data_2RUX
#
_entry.id   2RUX
#
loop_
_entity.id
_entity.type
_entity.pdbx_description
1 polymer 'Zinc finger protein ZFAT'
2 non-polymer 'ZINC ION'
#
_entity_poly.entity_id   1
_entity_poly.type   'polypeptide(L)'
_entity_poly.pdbx_seq_one_letter_code
;GSSGSSGLLYDCHICERKFKNELDRDRHMLVHGDKW
;
_entity_poly.pdbx_strand_id   A
#
loop_
_chem_comp.id
_chem_comp.type
_chem_comp.name
_chem_comp.formula
ZN non-polymer 'ZINC ION' 'Zn 2'
#
# COMPACT_ATOMS: atom_id res chain seq x y z
N GLY A 1 -6.87 -19.00 19.40
CA GLY A 1 -6.38 -17.77 18.74
C GLY A 1 -5.09 -18.02 17.98
N SER A 2 -5.04 -17.60 16.71
CA SER A 2 -3.92 -17.85 15.77
C SER A 2 -3.58 -16.60 14.95
N SER A 3 -2.34 -16.52 14.47
CA SER A 3 -1.83 -15.44 13.59
C SER A 3 -0.75 -15.96 12.62
N GLY A 4 -0.60 -15.30 11.46
CA GLY A 4 0.36 -15.67 10.42
C GLY A 4 1.82 -15.28 10.74
N SER A 5 2.77 -15.97 10.10
CA SER A 5 4.22 -15.75 10.27
C SER A 5 4.75 -14.50 9.54
N SER A 6 3.96 -13.94 8.62
CA SER A 6 4.28 -12.74 7.82
C SER A 6 3.00 -11.94 7.48
N GLY A 7 3.16 -10.72 6.96
CA GLY A 7 2.05 -9.83 6.58
C GLY A 7 2.46 -8.61 5.76
N LEU A 8 1.45 -7.88 5.29
CA LEU A 8 1.62 -6.60 4.59
C LEU A 8 1.78 -5.47 5.62
N LEU A 9 2.75 -4.60 5.38
CA LEU A 9 3.25 -3.60 6.34
C LEU A 9 2.75 -2.16 6.09
N TYR A 10 2.45 -1.81 4.84
CA TYR A 10 2.08 -0.45 4.42
C TYR A 10 0.70 -0.41 3.78
N ASP A 11 -0.05 0.69 3.97
CA ASP A 11 -1.46 0.81 3.57
C ASP A 11 -1.78 2.10 2.81
N CYS A 12 -2.66 1.97 1.81
CA CYS A 12 -3.27 3.07 1.07
C CYS A 12 -4.39 3.73 1.90
N HIS A 13 -4.39 5.06 1.99
CA HIS A 13 -5.42 5.83 2.69
C HIS A 13 -6.59 6.27 1.77
N ILE A 14 -6.60 5.86 0.50
CA ILE A 14 -7.68 6.14 -0.47
C ILE A 14 -8.59 4.94 -0.70
N CYS A 15 -8.00 3.75 -0.87
CA CYS A 15 -8.69 2.50 -1.27
C CYS A 15 -8.36 1.26 -0.41
N GLU A 16 -7.54 1.45 0.63
CA GLU A 16 -7.27 0.46 1.68
C GLU A 16 -6.46 -0.79 1.24
N ARG A 17 -5.94 -0.82 0.01
CA ARG A 17 -4.99 -1.84 -0.44
C ARG A 17 -3.67 -1.73 0.34
N LYS A 18 -2.98 -2.86 0.52
CA LYS A 18 -1.78 -2.97 1.35
C LYS A 18 -0.60 -3.60 0.61
N PHE A 19 0.61 -3.33 1.10
CA PHE A 19 1.88 -3.62 0.42
C PHE A 19 3.01 -4.08 1.36
N LYS A 20 4.04 -4.72 0.79
CA LYS A 20 5.21 -5.25 1.51
C LYS A 20 6.23 -4.16 1.88
N ASN A 21 6.42 -3.17 1.00
CA ASN A 21 7.34 -2.04 1.19
C ASN A 21 6.61 -0.70 1.14
N GLU A 22 7.24 0.32 1.72
CA GLU A 22 6.78 1.71 1.63
C GLU A 22 6.77 2.18 0.17
N LEU A 23 7.78 1.79 -0.60
CA LEU A 23 7.92 2.06 -2.03
C LEU A 23 6.75 1.52 -2.84
N ASP A 24 6.39 0.24 -2.67
CA ASP A 24 5.29 -0.40 -3.41
C ASP A 24 3.94 0.30 -3.20
N ARG A 25 3.69 0.79 -1.98
CA ARG A 25 2.51 1.58 -1.62
C ARG A 25 2.60 3.00 -2.15
N ASP A 26 3.76 3.64 -2.02
CA ASP A 26 3.99 5.03 -2.44
C ASP A 26 3.79 5.22 -3.96
N ARG A 27 4.25 4.28 -4.80
CA ARG A 27 3.98 4.33 -6.25
C ARG A 27 2.54 3.97 -6.61
N HIS A 28 1.82 3.22 -5.76
CA HIS A 28 0.38 3.00 -5.92
C HIS A 28 -0.43 4.28 -5.66
N MET A 29 -0.02 5.17 -4.75
CA MET A 29 -0.72 6.45 -4.53
C MET A 29 -0.81 7.33 -5.78
N LEU A 30 0.09 7.14 -6.76
CA LEU A 30 0.06 7.82 -8.06
C LEU A 30 -1.22 7.53 -8.87
N VAL A 31 -1.85 6.35 -8.69
CA VAL A 31 -3.11 6.00 -9.38
C VAL A 31 -4.29 6.87 -8.91
N HIS A 32 -4.19 7.39 -7.68
CA HIS A 32 -5.14 8.34 -7.08
C HIS A 32 -4.73 9.79 -7.35
N GLY A 33 -3.42 10.09 -7.29
CA GLY A 33 -2.84 11.41 -7.59
C GLY A 33 -3.02 11.87 -9.05
N ASP A 34 -3.31 10.94 -9.97
CA ASP A 34 -3.70 11.23 -11.36
C ASP A 34 -5.01 12.05 -11.48
N LYS A 35 -5.88 12.01 -10.46
CA LYS A 35 -7.11 12.82 -10.36
C LYS A 35 -6.81 14.21 -9.76
N TRP A 36 -5.95 14.98 -10.45
CA TRP A 36 -5.57 16.35 -10.09
C TRP A 36 -6.67 17.39 -10.37
ZN ZN B . -5.08 3.05 -3.18
N GLY A 1 -3.87 -25.22 3.94
CA GLY A 1 -2.76 -24.29 3.61
C GLY A 1 -3.11 -23.39 2.43
N SER A 2 -2.12 -23.04 1.61
CA SER A 2 -2.26 -22.27 0.36
C SER A 2 -3.05 -20.95 0.47
N SER A 3 -2.94 -20.27 1.63
CA SER A 3 -3.70 -19.07 1.99
C SER A 3 -2.81 -17.98 2.61
N GLY A 4 -3.21 -16.71 2.47
CA GLY A 4 -2.47 -15.54 2.98
C GLY A 4 -1.17 -15.24 2.22
N SER A 5 -0.28 -14.47 2.85
CA SER A 5 1.03 -14.05 2.33
C SER A 5 2.10 -13.97 3.43
N SER A 6 3.36 -13.80 3.05
CA SER A 6 4.52 -13.74 3.98
C SER A 6 4.65 -12.41 4.74
N GLY A 7 3.90 -11.37 4.37
CA GLY A 7 3.79 -10.12 5.14
C GLY A 7 3.28 -8.92 4.35
N LEU A 8 2.55 -8.04 5.04
CA LEU A 8 2.09 -6.72 4.57
C LEU A 8 2.32 -5.70 5.69
N LEU A 9 2.83 -4.51 5.35
CA LEU A 9 3.32 -3.51 6.30
C LEU A 9 2.81 -2.08 6.06
N TYR A 10 2.44 -1.73 4.82
CA TYR A 10 2.06 -0.37 4.41
C TYR A 10 0.67 -0.35 3.77
N ASP A 11 -0.10 0.72 3.97
CA ASP A 11 -1.51 0.81 3.56
C ASP A 11 -1.88 2.11 2.83
N CYS A 12 -2.78 1.99 1.85
CA CYS A 12 -3.42 3.08 1.11
C CYS A 12 -4.55 3.70 1.93
N HIS A 13 -4.57 5.04 2.02
CA HIS A 13 -5.63 5.81 2.69
C HIS A 13 -6.76 6.25 1.74
N ILE A 14 -6.73 5.85 0.46
CA ILE A 14 -7.76 6.16 -0.54
C ILE A 14 -8.68 4.96 -0.82
N CYS A 15 -8.11 3.76 -0.94
CA CYS A 15 -8.80 2.53 -1.36
C CYS A 15 -8.53 1.29 -0.46
N GLU A 16 -7.80 1.50 0.63
CA GLU A 16 -7.59 0.53 1.71
C GLU A 16 -6.78 -0.74 1.33
N ARG A 17 -6.12 -0.72 0.16
CA ARG A 17 -5.13 -1.73 -0.27
C ARG A 17 -3.86 -1.66 0.58
N LYS A 18 -3.07 -2.74 0.52
CA LYS A 18 -1.87 -2.95 1.35
C LYS A 18 -0.69 -3.56 0.60
N PHE A 19 0.53 -3.24 1.03
CA PHE A 19 1.79 -3.52 0.33
C PHE A 19 2.90 -4.03 1.26
N LYS A 20 3.91 -4.67 0.66
CA LYS A 20 5.04 -5.29 1.37
C LYS A 20 6.11 -4.30 1.82
N ASN A 21 6.41 -3.30 0.99
CA ASN A 21 7.36 -2.23 1.26
C ASN A 21 6.73 -0.83 1.07
N GLU A 22 7.36 0.18 1.65
CA GLU A 22 6.91 1.58 1.63
C GLU A 22 6.87 2.13 0.20
N LEU A 23 7.85 1.71 -0.62
CA LEU A 23 7.98 2.05 -2.04
C LEU A 23 6.76 1.58 -2.85
N ASP A 24 6.33 0.33 -2.70
CA ASP A 24 5.19 -0.25 -3.42
C ASP A 24 3.86 0.46 -3.11
N ARG A 25 3.69 0.89 -1.86
CA ARG A 25 2.56 1.73 -1.46
C ARG A 25 2.69 3.14 -2.02
N ASP A 26 3.88 3.76 -1.96
CA ASP A 26 4.08 5.10 -2.49
C ASP A 26 3.80 5.19 -4.00
N ARG A 27 4.27 4.21 -4.78
CA ARG A 27 4.00 4.18 -6.23
C ARG A 27 2.55 3.83 -6.58
N HIS A 28 1.84 3.14 -5.68
CA HIS A 28 0.39 2.95 -5.82
C HIS A 28 -0.39 4.26 -5.61
N MET A 29 0.01 5.18 -4.72
CA MET A 29 -0.70 6.46 -4.54
C MET A 29 -0.77 7.31 -5.82
N LEU A 30 0.14 7.08 -6.78
CA LEU A 30 0.13 7.72 -8.11
C LEU A 30 -1.15 7.41 -8.90
N VAL A 31 -1.79 6.24 -8.70
CA VAL A 31 -3.06 5.89 -9.37
C VAL A 31 -4.23 6.75 -8.91
N HIS A 32 -4.11 7.37 -7.74
CA HIS A 32 -5.05 8.33 -7.15
C HIS A 32 -4.65 9.79 -7.41
N GLY A 33 -3.34 10.10 -7.31
CA GLY A 33 -2.80 11.46 -7.48
C GLY A 33 -2.73 11.95 -8.93
N ASP A 34 -2.60 11.04 -9.90
CA ASP A 34 -2.48 11.33 -11.34
C ASP A 34 -3.62 10.69 -12.17
N LYS A 35 -4.81 10.56 -11.57
CA LYS A 35 -6.03 9.95 -12.16
C LYS A 35 -6.69 10.75 -13.29
N TRP A 36 -6.23 11.98 -13.52
CA TRP A 36 -6.82 13.00 -14.40
C TRP A 36 -6.78 12.66 -15.91
ZN ZN B . -5.13 3.08 -3.18
N GLY A 1 15.02 -16.36 12.23
CA GLY A 1 14.54 -16.28 13.63
C GLY A 1 13.63 -15.08 13.85
N SER A 2 13.37 -14.77 15.13
CA SER A 2 12.46 -13.70 15.61
C SER A 2 10.98 -13.88 15.20
N SER A 3 10.09 -13.04 15.76
CA SER A 3 8.63 -13.09 15.54
C SER A 3 8.14 -12.38 14.26
N GLY A 4 8.99 -11.56 13.62
CA GLY A 4 8.69 -10.85 12.38
C GLY A 4 8.56 -11.77 11.15
N SER A 5 7.84 -11.29 10.13
CA SER A 5 7.61 -11.99 8.86
C SER A 5 7.42 -11.01 7.69
N SER A 6 7.67 -11.47 6.46
CA SER A 6 7.63 -10.69 5.20
C SER A 6 6.21 -10.43 4.67
N GLY A 7 5.27 -10.09 5.57
CA GLY A 7 3.87 -9.79 5.26
C GLY A 7 3.63 -8.39 4.69
N LEU A 8 2.36 -7.98 4.69
CA LEU A 8 1.94 -6.62 4.31
C LEU A 8 2.06 -5.68 5.51
N LEU A 9 2.70 -4.53 5.29
CA LEU A 9 3.12 -3.59 6.34
C LEU A 9 2.67 -2.13 6.10
N TYR A 10 2.42 -1.75 4.85
CA TYR A 10 2.09 -0.37 4.43
C TYR A 10 0.72 -0.31 3.76
N ASP A 11 -0.04 0.76 4.02
CA ASP A 11 -1.45 0.87 3.62
C ASP A 11 -1.78 2.16 2.84
N CYS A 12 -2.68 2.03 1.86
CA CYS A 12 -3.31 3.14 1.13
C CYS A 12 -4.45 3.77 1.95
N HIS A 13 -4.47 5.11 2.01
CA HIS A 13 -5.51 5.88 2.67
C HIS A 13 -6.65 6.32 1.73
N ILE A 14 -6.63 5.92 0.45
CA ILE A 14 -7.67 6.22 -0.54
C ILE A 14 -8.60 5.01 -0.79
N CYS A 15 -8.01 3.80 -0.92
CA CYS A 15 -8.70 2.57 -1.34
C CYS A 15 -8.41 1.33 -0.48
N GLU A 16 -7.66 1.52 0.61
CA GLU A 16 -7.44 0.54 1.68
C GLU A 16 -6.62 -0.72 1.28
N ARG A 17 -5.98 -0.70 0.10
CA ARG A 17 -4.99 -1.70 -0.32
C ARG A 17 -3.72 -1.66 0.54
N LYS A 18 -3.00 -2.79 0.59
CA LYS A 18 -1.81 -2.97 1.44
C LYS A 18 -0.64 -3.63 0.70
N PHE A 19 0.58 -3.30 1.12
CA PHE A 19 1.83 -3.60 0.42
C PHE A 19 2.97 -4.06 1.35
N LYS A 20 3.96 -4.75 0.79
CA LYS A 20 5.12 -5.28 1.53
C LYS A 20 6.14 -4.22 1.92
N ASN A 21 6.35 -3.22 1.05
CA ASN A 21 7.29 -2.12 1.25
C ASN A 21 6.60 -0.75 1.19
N GLU A 22 7.26 0.26 1.75
CA GLU A 22 6.84 1.65 1.68
C GLU A 22 6.83 2.13 0.22
N LEU A 23 7.83 1.70 -0.56
CA LEU A 23 7.98 1.98 -1.98
C LEU A 23 6.77 1.47 -2.79
N ASP A 24 6.40 0.19 -2.64
CA ASP A 24 5.30 -0.41 -3.41
C ASP A 24 3.96 0.31 -3.17
N ARG A 25 3.72 0.77 -1.94
CA ARG A 25 2.55 1.57 -1.57
C ARG A 25 2.65 2.99 -2.12
N ASP A 26 3.82 3.62 -1.99
CA ASP A 26 4.05 4.99 -2.44
C ASP A 26 3.88 5.14 -3.96
N ARG A 27 4.31 4.16 -4.76
CA ARG A 27 4.04 4.15 -6.22
C ARG A 27 2.59 3.80 -6.58
N HIS A 28 1.86 3.08 -5.72
CA HIS A 28 0.42 2.90 -5.87
C HIS A 28 -0.37 4.21 -5.63
N MET A 29 0.05 5.09 -4.72
CA MET A 29 -0.65 6.37 -4.50
C MET A 29 -0.73 7.26 -5.77
N LEU A 30 0.19 7.05 -6.72
CA LEU A 30 0.19 7.74 -8.03
C LEU A 30 -1.09 7.47 -8.85
N VAL A 31 -1.75 6.32 -8.67
CA VAL A 31 -2.99 5.97 -9.40
C VAL A 31 -4.19 6.83 -8.99
N HIS A 32 -4.14 7.41 -7.79
CA HIS A 32 -5.17 8.28 -7.21
C HIS A 32 -4.96 9.77 -7.54
N GLY A 33 -3.80 10.13 -8.11
CA GLY A 33 -3.50 11.51 -8.53
C GLY A 33 -3.27 12.46 -7.36
N ASP A 34 -4.11 13.50 -7.24
CA ASP A 34 -4.09 14.58 -6.23
C ASP A 34 -2.85 15.51 -6.24
N LYS A 35 -1.68 15.02 -6.68
CA LYS A 35 -0.43 15.79 -6.86
C LYS A 35 -0.44 16.75 -8.06
N TRP A 36 -1.40 16.58 -8.99
CA TRP A 36 -1.48 17.28 -10.29
C TRP A 36 -2.20 18.63 -10.20
ZN ZN B . -5.05 3.10 -3.16
N GLY A 1 -2.55 -15.82 19.34
CA GLY A 1 -3.72 -16.46 18.70
C GLY A 1 -3.46 -16.76 17.24
N SER A 2 -3.89 -17.93 16.76
CA SER A 2 -3.60 -18.45 15.41
C SER A 2 -4.21 -17.64 14.25
N SER A 3 -5.19 -16.77 14.53
CA SER A 3 -5.86 -15.91 13.55
C SER A 3 -5.02 -14.70 13.08
N GLY A 4 -3.86 -14.43 13.70
CA GLY A 4 -2.95 -13.34 13.34
C GLY A 4 -2.29 -13.49 11.96
N SER A 5 -1.82 -12.38 11.40
CA SER A 5 -1.18 -12.30 10.06
C SER A 5 -0.01 -11.30 10.02
N SER A 6 0.84 -11.42 9.00
CA SER A 6 2.05 -10.59 8.78
C SER A 6 2.41 -10.47 7.29
N GLY A 7 3.48 -9.74 6.97
CA GLY A 7 4.04 -9.57 5.62
C GLY A 7 3.56 -8.34 4.84
N LEU A 8 2.54 -7.64 5.34
CA LEU A 8 2.04 -6.38 4.79
C LEU A 8 2.15 -5.29 5.85
N LEU A 9 2.85 -4.20 5.51
CA LEU A 9 3.28 -3.15 6.44
C LEU A 9 2.78 -1.73 6.10
N TYR A 10 2.47 -1.47 4.83
CA TYR A 10 2.09 -0.14 4.31
C TYR A 10 0.71 -0.16 3.66
N ASP A 11 -0.09 0.88 3.87
CA ASP A 11 -1.50 0.94 3.45
C ASP A 11 -1.87 2.20 2.67
N CYS A 12 -2.79 2.03 1.71
CA CYS A 12 -3.46 3.10 0.99
C CYS A 12 -4.66 3.62 1.80
N HIS A 13 -4.71 4.93 2.06
CA HIS A 13 -5.82 5.57 2.77
C HIS A 13 -7.01 5.93 1.86
N ILE A 14 -6.93 5.63 0.55
CA ILE A 14 -7.93 6.00 -0.46
C ILE A 14 -8.79 4.80 -0.86
N CYS A 15 -8.16 3.64 -1.07
CA CYS A 15 -8.81 2.39 -1.51
C CYS A 15 -8.52 1.14 -0.65
N GLU A 16 -7.82 1.34 0.48
CA GLU A 16 -7.60 0.36 1.54
C GLU A 16 -6.75 -0.88 1.18
N ARG A 17 -6.04 -0.83 0.03
CA ARG A 17 -5.01 -1.80 -0.36
C ARG A 17 -3.77 -1.72 0.52
N LYS A 18 -3.00 -2.81 0.59
CA LYS A 18 -1.83 -2.97 1.45
C LYS A 18 -0.64 -3.63 0.72
N PHE A 19 0.57 -3.27 1.14
CA PHE A 19 1.83 -3.59 0.44
C PHE A 19 2.97 -4.01 1.40
N LYS A 20 3.98 -4.69 0.83
CA LYS A 20 5.14 -5.20 1.57
C LYS A 20 6.14 -4.10 1.97
N ASN A 21 6.35 -3.13 1.06
CA ASN A 21 7.30 -2.03 1.22
C ASN A 21 6.61 -0.67 1.09
N GLU A 22 7.27 0.37 1.60
CA GLU A 22 6.83 1.75 1.47
C GLU A 22 6.80 2.17 -0.01
N LEU A 23 7.81 1.75 -0.77
CA LEU A 23 7.92 1.96 -2.21
C LEU A 23 6.70 1.39 -2.95
N ASP A 24 6.34 0.13 -2.73
CA ASP A 24 5.24 -0.53 -3.45
C ASP A 24 3.88 0.13 -3.22
N ARG A 25 3.66 0.69 -2.04
CA ARG A 25 2.48 1.50 -1.70
C ARG A 25 2.56 2.89 -2.32
N ASP A 26 3.72 3.54 -2.23
CA ASP A 26 3.93 4.89 -2.74
C ASP A 26 3.75 4.97 -4.27
N ARG A 27 4.23 3.96 -5.03
CA ARG A 27 3.99 3.87 -6.48
C ARG A 27 2.53 3.57 -6.84
N HIS A 28 1.76 2.96 -5.93
CA HIS A 28 0.31 2.82 -6.06
C HIS A 28 -0.42 4.15 -5.76
N MET A 29 0.06 5.00 -4.85
CA MET A 29 -0.59 6.31 -4.60
C MET A 29 -0.59 7.23 -5.84
N LEU A 30 0.29 6.99 -6.82
CA LEU A 30 0.30 7.65 -8.12
C LEU A 30 -1.01 7.48 -8.92
N VAL A 31 -1.79 6.42 -8.65
CA VAL A 31 -3.10 6.19 -9.29
C VAL A 31 -4.20 7.12 -8.74
N HIS A 32 -3.98 7.66 -7.54
CA HIS A 32 -4.91 8.56 -6.82
C HIS A 32 -4.49 10.04 -6.90
N GLY A 33 -3.21 10.34 -6.62
CA GLY A 33 -2.66 11.71 -6.62
C GLY A 33 -2.11 12.14 -7.98
N ASP A 34 -2.64 13.22 -8.54
CA ASP A 34 -2.23 13.78 -9.84
C ASP A 34 -1.00 14.71 -9.75
N LYS A 35 -0.90 15.48 -8.66
CA LYS A 35 0.20 16.40 -8.33
C LYS A 35 0.55 16.43 -6.82
N TRP A 36 0.04 15.46 -6.05
CA TRP A 36 0.09 15.40 -4.59
C TRP A 36 0.90 14.20 -4.07
ZN ZN B . -5.17 3.03 -3.32
N GLY A 1 -8.97 -14.99 1.64
CA GLY A 1 -8.09 -16.06 2.16
C GLY A 1 -7.56 -15.71 3.54
N SER A 2 -7.48 -16.69 4.44
CA SER A 2 -7.09 -16.51 5.86
C SER A 2 -5.58 -16.37 6.11
N SER A 3 -4.75 -16.65 5.10
CA SER A 3 -3.27 -16.56 5.14
C SER A 3 -2.69 -16.15 3.78
N GLY A 4 -1.39 -15.82 3.74
CA GLY A 4 -0.65 -15.43 2.54
C GLY A 4 0.87 -15.58 2.68
N SER A 5 1.57 -15.53 1.54
CA SER A 5 3.01 -15.86 1.44
C SER A 5 3.96 -14.79 2.00
N SER A 6 3.48 -13.56 2.23
CA SER A 6 4.24 -12.42 2.78
C SER A 6 3.39 -11.55 3.71
N GLY A 7 4.01 -10.99 4.75
CA GLY A 7 3.42 -9.96 5.60
C GLY A 7 3.35 -8.60 4.89
N LEU A 8 2.28 -7.85 5.12
CA LEU A 8 2.05 -6.52 4.55
C LEU A 8 2.11 -5.46 5.67
N LEU A 9 2.84 -4.38 5.41
CA LEU A 9 3.23 -3.36 6.40
C LEU A 9 2.71 -1.94 6.11
N TYR A 10 2.44 -1.62 4.85
CA TYR A 10 2.07 -0.27 4.38
C TYR A 10 0.68 -0.26 3.74
N ASP A 11 -0.07 0.83 3.94
CA ASP A 11 -1.49 0.93 3.55
C ASP A 11 -1.84 2.20 2.77
N CYS A 12 -2.74 2.04 1.81
CA CYS A 12 -3.39 3.12 1.06
C CYS A 12 -4.54 3.72 1.89
N HIS A 13 -4.58 5.06 1.97
CA HIS A 13 -5.64 5.81 2.64
C HIS A 13 -6.79 6.24 1.70
N ILE A 14 -6.76 5.83 0.42
CA ILE A 14 -7.79 6.13 -0.58
C ILE A 14 -8.70 4.91 -0.85
N CYS A 15 -8.10 3.71 -0.96
CA CYS A 15 -8.77 2.47 -1.39
C CYS A 15 -8.46 1.23 -0.53
N GLU A 16 -7.72 1.42 0.56
CA GLU A 16 -7.47 0.44 1.62
C GLU A 16 -6.60 -0.78 1.22
N ARG A 17 -6.02 -0.76 0.01
CA ARG A 17 -5.00 -1.72 -0.44
C ARG A 17 -3.73 -1.64 0.41
N LYS A 18 -3.00 -2.75 0.48
CA LYS A 18 -1.83 -2.91 1.36
C LYS A 18 -0.65 -3.58 0.66
N PHE A 19 0.56 -3.26 1.12
CA PHE A 19 1.82 -3.58 0.44
C PHE A 19 2.95 -3.96 1.41
N LYS A 20 3.98 -4.61 0.85
CA LYS A 20 5.12 -5.16 1.59
C LYS A 20 6.18 -4.10 1.95
N ASN A 21 6.50 -3.23 0.99
CA ASN A 21 7.41 -2.10 1.18
C ASN A 21 6.67 -0.75 1.13
N GLU A 22 7.30 0.29 1.68
CA GLU A 22 6.83 1.67 1.58
C GLU A 22 6.79 2.11 0.11
N LEU A 23 7.82 1.72 -0.67
CA LEU A 23 7.93 1.96 -2.10
C LEU A 23 6.73 1.38 -2.88
N ASP A 24 6.39 0.10 -2.65
CA ASP A 24 5.28 -0.58 -3.33
C ASP A 24 3.93 0.14 -3.15
N ARG A 25 3.70 0.72 -1.96
CA ARG A 25 2.51 1.53 -1.64
C ARG A 25 2.61 2.94 -2.22
N ASP A 26 3.77 3.57 -2.10
CA ASP A 26 4.00 4.95 -2.56
C ASP A 26 3.80 5.09 -4.09
N ARG A 27 4.24 4.11 -4.90
CA ARG A 27 3.96 4.13 -6.34
C ARG A 27 2.51 3.78 -6.70
N HIS A 28 1.79 3.08 -5.82
CA HIS A 28 0.34 2.89 -5.97
C HIS A 28 -0.45 4.19 -5.71
N MET A 29 -0.02 5.09 -4.81
CA MET A 29 -0.69 6.38 -4.60
C MET A 29 -0.75 7.25 -5.88
N LEU A 30 0.15 7.02 -6.84
CA LEU A 30 0.16 7.69 -8.15
C LEU A 30 -1.11 7.42 -8.98
N VAL A 31 -1.81 6.30 -8.75
CA VAL A 31 -3.08 5.98 -9.43
C VAL A 31 -4.24 6.88 -8.94
N HIS A 32 -4.12 7.41 -7.72
CA HIS A 32 -5.05 8.35 -7.11
C HIS A 32 -4.64 9.83 -7.34
N GLY A 33 -3.34 10.10 -7.39
CA GLY A 33 -2.76 11.44 -7.62
C GLY A 33 -2.83 12.37 -6.41
N ASP A 34 -2.54 13.66 -6.65
CA ASP A 34 -2.51 14.72 -5.65
C ASP A 34 -3.27 15.97 -6.17
N LYS A 35 -2.56 16.98 -6.70
CA LYS A 35 -3.10 18.19 -7.38
C LYS A 35 -4.13 19.00 -6.56
N TRP A 36 -4.04 18.89 -5.23
CA TRP A 36 -4.93 19.54 -4.26
C TRP A 36 -4.78 21.08 -4.25
ZN ZN B . -5.13 3.06 -3.22
N GLY A 1 -7.17 -17.40 15.80
CA GLY A 1 -5.94 -16.71 15.35
C GLY A 1 -5.98 -15.22 15.67
N SER A 2 -4.84 -14.54 15.57
CA SER A 2 -4.71 -13.09 15.81
C SER A 2 -5.35 -12.24 14.69
N SER A 3 -5.86 -11.07 15.06
CA SER A 3 -6.36 -10.04 14.14
C SER A 3 -5.25 -9.12 13.59
N GLY A 4 -4.04 -9.18 14.15
CA GLY A 4 -2.88 -8.37 13.73
C GLY A 4 -2.31 -8.79 12.36
N SER A 5 -1.86 -7.81 11.57
CA SER A 5 -1.30 -8.01 10.23
C SER A 5 0.14 -8.54 10.26
N SER A 6 0.54 -9.29 9.22
CA SER A 6 1.91 -9.77 8.97
C SER A 6 2.21 -9.79 7.46
N GLY A 7 3.49 -9.63 7.10
CA GLY A 7 3.97 -9.51 5.70
C GLY A 7 3.67 -8.16 5.05
N LEU A 8 2.43 -7.70 5.16
CA LEU A 8 1.96 -6.40 4.72
C LEU A 8 2.18 -5.38 5.84
N LEU A 9 2.84 -4.27 5.49
CA LEU A 9 3.33 -3.25 6.43
C LEU A 9 2.83 -1.82 6.10
N TYR A 10 2.47 -1.56 4.85
CA TYR A 10 2.09 -0.23 4.34
C TYR A 10 0.70 -0.26 3.70
N ASP A 11 -0.06 0.83 3.87
CA ASP A 11 -1.47 0.91 3.46
C ASP A 11 -1.84 2.20 2.70
N CYS A 12 -2.79 2.07 1.79
CA CYS A 12 -3.46 3.14 1.06
C CYS A 12 -4.62 3.71 1.90
N HIS A 13 -4.78 5.04 1.93
CA HIS A 13 -5.86 5.73 2.64
C HIS A 13 -7.08 6.07 1.76
N ILE A 14 -7.06 5.68 0.48
CA ILE A 14 -8.11 6.00 -0.51
C ILE A 14 -8.94 4.76 -0.88
N CYS A 15 -8.25 3.62 -1.11
CA CYS A 15 -8.85 2.34 -1.50
C CYS A 15 -8.49 1.16 -0.58
N GLU A 16 -7.77 1.43 0.50
CA GLU A 16 -7.49 0.52 1.61
C GLU A 16 -6.58 -0.69 1.27
N ARG A 17 -6.06 -0.75 0.05
CA ARG A 17 -5.05 -1.72 -0.41
C ARG A 17 -3.73 -1.63 0.36
N LYS A 18 -2.96 -2.71 0.33
CA LYS A 18 -1.78 -2.91 1.20
C LYS A 18 -0.60 -3.57 0.51
N PHE A 19 0.59 -3.27 1.04
CA PHE A 19 1.89 -3.60 0.42
C PHE A 19 2.97 -3.99 1.44
N LYS A 20 3.99 -4.70 0.94
CA LYS A 20 5.13 -5.20 1.75
C LYS A 20 6.16 -4.11 2.06
N ASN A 21 6.40 -3.21 1.10
CA ASN A 21 7.36 -2.11 1.20
C ASN A 21 6.68 -0.74 1.10
N GLU A 22 7.36 0.28 1.61
CA GLU A 22 6.91 1.67 1.50
C GLU A 22 6.87 2.11 0.03
N LEU A 23 7.88 1.67 -0.74
CA LEU A 23 7.98 1.89 -2.18
C LEU A 23 6.75 1.33 -2.92
N ASP A 24 6.39 0.06 -2.69
CA ASP A 24 5.28 -0.58 -3.42
C ASP A 24 3.92 0.08 -3.18
N ARG A 25 3.71 0.65 -1.99
CA ARG A 25 2.54 1.48 -1.65
C ARG A 25 2.65 2.86 -2.27
N ASP A 26 3.81 3.50 -2.18
CA ASP A 26 4.04 4.85 -2.70
C ASP A 26 3.85 4.95 -4.22
N ARG A 27 4.28 3.93 -4.98
CA ARG A 27 4.01 3.85 -6.44
C ARG A 27 2.55 3.56 -6.79
N HIS A 28 1.79 2.99 -5.86
CA HIS A 28 0.33 2.85 -5.97
C HIS A 28 -0.40 4.17 -5.65
N MET A 29 0.09 5.02 -4.74
CA MET A 29 -0.54 6.33 -4.48
C MET A 29 -0.58 7.25 -5.73
N LEU A 30 0.28 6.99 -6.72
CA LEU A 30 0.28 7.67 -8.02
C LEU A 30 -1.06 7.53 -8.77
N VAL A 31 -1.79 6.42 -8.57
CA VAL A 31 -3.11 6.19 -9.20
C VAL A 31 -4.21 7.09 -8.62
N HIS A 32 -3.99 7.61 -7.42
CA HIS A 32 -4.87 8.53 -6.68
C HIS A 32 -4.42 9.99 -6.74
N GLY A 33 -3.27 10.28 -7.38
CA GLY A 33 -2.64 11.61 -7.40
C GLY A 33 -3.42 12.66 -8.21
N ASP A 34 -3.73 13.79 -7.57
CA ASP A 34 -4.28 15.01 -8.17
C ASP A 34 -3.68 16.24 -7.46
N LYS A 35 -3.01 17.11 -8.22
CA LYS A 35 -2.27 18.28 -7.71
C LYS A 35 -3.18 19.40 -7.15
N TRP A 36 -4.39 19.53 -7.70
CA TRP A 36 -5.40 20.55 -7.36
C TRP A 36 -6.82 19.97 -7.24
ZN ZN B . -5.19 2.96 -3.23
N GLY A 1 0.64 -15.88 20.78
CA GLY A 1 0.80 -14.72 19.89
C GLY A 1 -0.15 -14.77 18.71
N SER A 2 -0.56 -13.62 18.20
CA SER A 2 -1.53 -13.49 17.08
C SER A 2 -0.91 -13.57 15.68
N SER A 3 0.40 -13.35 15.56
CA SER A 3 1.14 -13.18 14.30
C SER A 3 0.58 -12.07 13.38
N GLY A 4 -0.09 -11.06 13.97
CA GLY A 4 -0.65 -9.91 13.25
C GLY A 4 0.40 -8.98 12.63
N SER A 5 -0.02 -8.19 11.64
CA SER A 5 0.84 -7.24 10.88
C SER A 5 2.09 -7.86 10.23
N SER A 6 2.03 -9.16 9.88
CA SER A 6 3.09 -9.88 9.18
C SER A 6 2.94 -9.78 7.65
N GLY A 7 4.06 -9.72 6.92
CA GLY A 7 4.11 -9.59 5.46
C GLY A 7 3.74 -8.20 4.95
N LEU A 8 2.48 -7.80 5.13
CA LEU A 8 1.96 -6.49 4.74
C LEU A 8 2.22 -5.47 5.86
N LEU A 9 2.84 -4.35 5.49
CA LEU A 9 3.35 -3.34 6.41
C LEU A 9 2.87 -1.91 6.10
N TYR A 10 2.50 -1.62 4.85
CA TYR A 10 2.12 -0.29 4.36
C TYR A 10 0.73 -0.30 3.73
N ASP A 11 -0.03 0.79 3.89
CA ASP A 11 -1.44 0.88 3.53
C ASP A 11 -1.80 2.18 2.78
N CYS A 12 -2.79 2.05 1.88
CA CYS A 12 -3.47 3.14 1.19
C CYS A 12 -4.66 3.64 2.03
N HIS A 13 -4.80 4.97 2.16
CA HIS A 13 -5.91 5.62 2.88
C HIS A 13 -7.10 6.02 1.98
N ILE A 14 -7.02 5.72 0.66
CA ILE A 14 -8.04 6.11 -0.34
C ILE A 14 -8.87 4.91 -0.78
N CYS A 15 -8.20 3.77 -1.04
CA CYS A 15 -8.82 2.52 -1.53
C CYS A 15 -8.50 1.26 -0.70
N GLU A 16 -7.80 1.45 0.43
CA GLU A 16 -7.58 0.44 1.47
C GLU A 16 -6.71 -0.78 1.08
N ARG A 17 -6.03 -0.72 -0.08
CA ARG A 17 -5.00 -1.67 -0.50
C ARG A 17 -3.75 -1.61 0.39
N LYS A 18 -2.98 -2.71 0.41
CA LYS A 18 -1.81 -2.89 1.27
C LYS A 18 -0.62 -3.55 0.55
N PHE A 19 0.58 -3.25 1.04
CA PHE A 19 1.85 -3.59 0.40
C PHE A 19 2.95 -4.02 1.40
N LYS A 20 3.96 -4.72 0.88
CA LYS A 20 5.07 -5.29 1.67
C LYS A 20 6.16 -4.28 2.03
N ASN A 21 6.43 -3.31 1.15
CA ASN A 21 7.40 -2.23 1.36
C ASN A 21 6.76 -0.86 1.09
N GLU A 22 7.39 0.17 1.63
CA GLU A 22 6.95 1.57 1.52
C GLU A 22 6.92 2.02 0.05
N LEU A 23 7.91 1.57 -0.73
CA LEU A 23 8.03 1.82 -2.17
C LEU A 23 6.79 1.32 -2.93
N ASP A 24 6.39 0.06 -2.74
CA ASP A 24 5.27 -0.57 -3.45
C ASP A 24 3.92 0.12 -3.17
N ARG A 25 3.75 0.67 -1.97
CA ARG A 25 2.59 1.51 -1.61
C ARG A 25 2.72 2.91 -2.20
N ASP A 26 3.89 3.52 -2.11
CA ASP A 26 4.13 4.89 -2.58
C ASP A 26 3.93 5.02 -4.10
N ARG A 27 4.36 4.03 -4.90
CA ARG A 27 4.07 3.98 -6.34
C ARG A 27 2.59 3.70 -6.68
N HIS A 28 1.85 3.06 -5.77
CA HIS A 28 0.40 2.93 -5.86
C HIS A 28 -0.32 4.26 -5.55
N MET A 29 0.17 5.11 -4.65
CA MET A 29 -0.46 6.43 -4.38
C MET A 29 -0.54 7.32 -5.62
N LEU A 30 0.31 7.09 -6.62
CA LEU A 30 0.27 7.78 -7.92
C LEU A 30 -1.07 7.61 -8.65
N VAL A 31 -1.77 6.47 -8.47
CA VAL A 31 -3.06 6.20 -9.15
C VAL A 31 -4.19 7.12 -8.65
N HIS A 32 -4.03 7.66 -7.44
CA HIS A 32 -4.94 8.61 -6.79
C HIS A 32 -4.60 10.09 -7.07
N GLY A 33 -3.49 10.35 -7.78
CA GLY A 33 -3.09 11.70 -8.24
C GLY A 33 -4.00 12.26 -9.33
N ASP A 34 -4.24 13.57 -9.30
CA ASP A 34 -5.15 14.29 -10.21
C ASP A 34 -4.43 15.07 -11.34
N LYS A 35 -3.09 15.15 -11.28
CA LYS A 35 -2.24 15.94 -12.19
C LYS A 35 -2.08 15.34 -13.60
N TRP A 36 -2.36 14.04 -13.76
CA TRP A 36 -2.11 13.26 -14.99
C TRP A 36 -2.97 13.70 -16.19
ZN ZN B . -5.11 3.20 -3.14
N GLY A 1 -10.84 -9.30 11.76
CA GLY A 1 -10.23 -9.57 10.44
C GLY A 1 -8.73 -9.28 10.44
N SER A 2 -8.01 -9.80 9.45
CA SER A 2 -6.53 -9.77 9.30
C SER A 2 -5.75 -10.43 10.47
N SER A 3 -4.41 -10.39 10.41
CA SER A 3 -3.50 -10.96 11.41
C SER A 3 -2.22 -10.13 11.56
N GLY A 4 -1.69 -10.04 12.79
CA GLY A 4 -0.39 -9.42 13.09
C GLY A 4 0.81 -10.17 12.48
N SER A 5 0.62 -11.43 12.06
CA SER A 5 1.63 -12.26 11.37
C SER A 5 1.70 -12.02 9.85
N SER A 6 0.91 -11.07 9.31
CA SER A 6 0.87 -10.74 7.87
C SER A 6 2.20 -10.18 7.34
N GLY A 7 2.48 -10.45 6.06
CA GLY A 7 3.61 -9.88 5.30
C GLY A 7 3.43 -8.41 4.90
N LEU A 8 2.25 -7.84 5.11
CA LEU A 8 1.87 -6.51 4.66
C LEU A 8 2.09 -5.48 5.77
N LEU A 9 2.82 -4.42 5.44
CA LEU A 9 3.31 -3.42 6.40
C LEU A 9 2.83 -1.99 6.11
N TYR A 10 2.46 -1.69 4.85
CA TYR A 10 2.06 -0.36 4.38
C TYR A 10 0.67 -0.38 3.75
N ASP A 11 -0.10 0.70 3.94
CA ASP A 11 -1.51 0.79 3.52
C ASP A 11 -1.84 2.09 2.79
N CYS A 12 -2.78 1.98 1.84
CA CYS A 12 -3.39 3.07 1.09
C CYS A 12 -4.51 3.74 1.90
N HIS A 13 -4.50 5.07 1.97
CA HIS A 13 -5.55 5.86 2.63
C HIS A 13 -6.70 6.28 1.69
N ILE A 14 -6.70 5.83 0.42
CA ILE A 14 -7.74 6.12 -0.57
C ILE A 14 -8.66 4.90 -0.81
N CYS A 15 -8.07 3.71 -0.96
CA CYS A 15 -8.76 2.47 -1.35
C CYS A 15 -8.46 1.25 -0.45
N GLU A 16 -7.70 1.47 0.63
CA GLU A 16 -7.42 0.52 1.70
C GLU A 16 -6.57 -0.71 1.31
N ARG A 17 -6.06 -0.74 0.07
CA ARG A 17 -5.06 -1.72 -0.42
C ARG A 17 -3.75 -1.65 0.35
N LYS A 18 -2.97 -2.73 0.27
CA LYS A 18 -1.80 -2.96 1.14
C LYS A 18 -0.60 -3.60 0.45
N PHE A 19 0.58 -3.30 1.00
CA PHE A 19 1.88 -3.60 0.38
C PHE A 19 2.96 -4.02 1.38
N LYS A 20 4.00 -4.72 0.87
CA LYS A 20 5.13 -5.21 1.66
C LYS A 20 6.15 -4.12 2.01
N ASN A 21 6.38 -3.19 1.08
CA ASN A 21 7.33 -2.08 1.21
C ASN A 21 6.64 -0.72 1.13
N GLU A 22 7.29 0.30 1.68
CA GLU A 22 6.83 1.69 1.60
C GLU A 22 6.81 2.15 0.13
N LEU A 23 7.83 1.75 -0.64
CA LEU A 23 7.94 2.00 -2.08
C LEU A 23 6.74 1.46 -2.84
N ASP A 24 6.37 0.18 -2.66
CA ASP A 24 5.27 -0.46 -3.40
C ASP A 24 3.90 0.20 -3.16
N ARG A 25 3.68 0.73 -1.95
CA ARG A 25 2.50 1.54 -1.61
C ARG A 25 2.60 2.94 -2.19
N ASP A 26 3.75 3.59 -2.07
CA ASP A 26 3.97 4.95 -2.55
C ASP A 26 3.79 5.07 -4.07
N ARG A 27 4.25 4.08 -4.86
CA ARG A 27 4.01 4.01 -6.31
C ARG A 27 2.57 3.68 -6.69
N HIS A 28 1.79 3.07 -5.79
CA HIS A 28 0.35 2.89 -5.94
C HIS A 28 -0.43 4.19 -5.67
N MET A 29 -0.01 5.07 -4.75
CA MET A 29 -0.70 6.37 -4.53
C MET A 29 -0.72 7.26 -5.79
N LEU A 30 0.21 7.03 -6.74
CA LEU A 30 0.24 7.68 -8.05
C LEU A 30 -1.03 7.46 -8.89
N VAL A 31 -1.76 6.34 -8.67
CA VAL A 31 -3.02 6.06 -9.38
C VAL A 31 -4.18 6.95 -8.91
N HIS A 32 -4.07 7.47 -7.68
CA HIS A 32 -5.05 8.36 -7.04
C HIS A 32 -4.71 9.85 -7.15
N GLY A 33 -3.41 10.19 -7.24
CA GLY A 33 -2.91 11.58 -7.22
C GLY A 33 -3.36 12.44 -8.41
N ASP A 34 -3.57 13.73 -8.15
CA ASP A 34 -4.04 14.73 -9.13
C ASP A 34 -2.92 15.48 -9.87
N LYS A 35 -1.64 15.13 -9.60
CA LYS A 35 -0.44 15.84 -10.08
C LYS A 35 -0.06 15.59 -11.55
N TRP A 36 -0.75 14.67 -12.24
CA TRP A 36 -0.55 14.34 -13.66
C TRP A 36 -0.93 15.49 -14.63
ZN ZN B . -5.12 2.98 -3.19
N GLY A 1 4.07 -23.21 -0.05
CA GLY A 1 4.54 -21.85 0.28
C GLY A 1 3.91 -20.80 -0.62
N SER A 2 3.85 -19.55 -0.16
CA SER A 2 3.27 -18.39 -0.88
C SER A 2 3.96 -17.07 -0.47
N SER A 3 3.56 -15.96 -1.11
CA SER A 3 3.98 -14.60 -0.75
C SER A 3 3.58 -14.16 0.66
N GLY A 4 2.71 -14.90 1.34
CA GLY A 4 2.33 -14.71 2.74
C GLY A 4 3.39 -15.15 3.77
N SER A 5 4.57 -15.59 3.32
CA SER A 5 5.74 -15.92 4.17
C SER A 5 6.24 -14.75 5.02
N SER A 6 5.95 -13.52 4.61
CA SER A 6 6.13 -12.27 5.38
C SER A 6 4.96 -11.31 5.15
N GLY A 7 4.62 -10.51 6.17
CA GLY A 7 3.41 -9.68 6.21
C GLY A 7 3.44 -8.41 5.35
N LEU A 8 2.27 -7.77 5.26
CA LEU A 8 2.10 -6.43 4.70
C LEU A 8 2.29 -5.38 5.81
N LEU A 9 2.95 -4.28 5.45
CA LEU A 9 3.41 -3.25 6.39
C LEU A 9 2.88 -1.84 6.08
N TYR A 10 2.49 -1.57 4.83
CA TYR A 10 2.06 -0.26 4.33
C TYR A 10 0.65 -0.31 3.75
N ASP A 11 -0.08 0.80 3.86
CA ASP A 11 -1.53 0.87 3.57
C ASP A 11 -1.92 2.14 2.80
N CYS A 12 -2.89 1.98 1.91
CA CYS A 12 -3.53 3.05 1.13
C CYS A 12 -4.73 3.65 1.88
N HIS A 13 -4.67 4.96 2.14
CA HIS A 13 -5.75 5.71 2.78
C HIS A 13 -6.87 6.16 1.82
N ILE A 14 -6.80 5.78 0.53
CA ILE A 14 -7.81 6.10 -0.50
C ILE A 14 -8.72 4.89 -0.79
N CYS A 15 -8.14 3.70 -0.93
CA CYS A 15 -8.82 2.48 -1.41
C CYS A 15 -8.54 1.20 -0.61
N GLU A 16 -7.83 1.35 0.51
CA GLU A 16 -7.63 0.31 1.54
C GLU A 16 -6.77 -0.91 1.09
N ARG A 17 -6.06 -0.79 -0.03
CA ARG A 17 -5.04 -1.75 -0.48
C ARG A 17 -3.78 -1.67 0.39
N LYS A 18 -3.01 -2.77 0.42
CA LYS A 18 -1.84 -2.94 1.28
C LYS A 18 -0.64 -3.57 0.57
N PHE A 19 0.55 -3.22 1.06
CA PHE A 19 1.83 -3.53 0.42
C PHE A 19 2.94 -3.91 1.42
N LYS A 20 3.96 -4.61 0.93
CA LYS A 20 5.08 -5.14 1.72
C LYS A 20 6.17 -4.10 1.99
N ASN A 21 6.48 -3.28 0.97
CA ASN A 21 7.43 -2.16 1.07
C ASN A 21 6.72 -0.81 1.04
N GLU A 22 7.39 0.22 1.55
CA GLU A 22 6.91 1.61 1.50
C GLU A 22 6.85 2.09 0.06
N LEU A 23 7.86 1.74 -0.75
CA LEU A 23 7.94 2.00 -2.18
C LEU A 23 6.71 1.44 -2.92
N ASP A 24 6.37 0.16 -2.70
CA ASP A 24 5.27 -0.52 -3.40
C ASP A 24 3.89 0.12 -3.14
N ARG A 25 3.70 0.72 -1.97
CA ARG A 25 2.51 1.52 -1.63
C ARG A 25 2.60 2.92 -2.23
N ASP A 26 3.74 3.57 -2.12
CA ASP A 26 3.95 4.94 -2.60
C ASP A 26 3.77 5.06 -4.13
N ARG A 27 4.21 4.06 -4.90
CA ARG A 27 3.97 3.99 -6.35
C ARG A 27 2.51 3.68 -6.72
N HIS A 28 1.74 3.07 -5.82
CA HIS A 28 0.30 2.90 -5.96
C HIS A 28 -0.46 4.22 -5.66
N MET A 29 -0.03 5.06 -4.74
CA MET A 29 -0.68 6.38 -4.50
C MET A 29 -0.70 7.29 -5.75
N LEU A 30 0.20 7.05 -6.71
CA LEU A 30 0.23 7.74 -8.00
C LEU A 30 -1.07 7.55 -8.81
N VAL A 31 -1.79 6.43 -8.64
CA VAL A 31 -3.06 6.16 -9.34
C VAL A 31 -4.20 7.05 -8.82
N HIS A 32 -4.08 7.56 -7.59
CA HIS A 32 -5.01 8.48 -6.95
C HIS A 32 -4.58 9.95 -7.13
N GLY A 33 -3.28 10.22 -7.02
CA GLY A 33 -2.66 11.55 -7.16
C GLY A 33 -2.37 11.93 -8.62
N ASP A 34 -1.13 11.69 -9.05
CA ASP A 34 -0.58 12.17 -10.34
C ASP A 34 -0.88 11.26 -11.56
N LYS A 35 -2.13 10.81 -11.66
CA LYS A 35 -2.66 10.04 -12.81
C LYS A 35 -3.12 10.89 -14.02
N TRP A 36 -3.02 12.22 -13.90
CA TRP A 36 -3.39 13.21 -14.93
C TRP A 36 -2.47 13.19 -16.17
ZN ZN B . -5.15 3.07 -3.20
N GLY A 1 -13.98 -16.96 4.38
CA GLY A 1 -12.89 -17.43 5.26
C GLY A 1 -12.12 -16.26 5.87
N SER A 2 -10.80 -16.42 6.04
CA SER A 2 -9.91 -15.40 6.62
C SER A 2 -9.77 -14.15 5.73
N SER A 3 -9.41 -13.00 6.33
CA SER A 3 -9.17 -11.72 5.66
C SER A 3 -8.00 -10.96 6.28
N GLY A 4 -7.27 -10.18 5.46
CA GLY A 4 -6.03 -9.49 5.82
C GLY A 4 -4.81 -10.42 5.87
N SER A 5 -3.61 -9.84 5.76
CA SER A 5 -2.32 -10.56 5.71
C SER A 5 -1.23 -9.83 6.50
N SER A 6 -0.53 -10.57 7.38
CA SER A 6 0.56 -10.04 8.22
C SER A 6 1.86 -9.75 7.44
N GLY A 7 1.99 -10.30 6.22
CA GLY A 7 3.10 -10.04 5.29
C GLY A 7 3.12 -8.65 4.65
N LEU A 8 2.06 -7.85 4.87
CA LEU A 8 1.89 -6.51 4.31
C LEU A 8 2.00 -5.45 5.42
N LEU A 9 2.97 -4.55 5.29
CA LEU A 9 3.39 -3.61 6.34
C LEU A 9 2.84 -2.18 6.14
N TYR A 10 2.42 -1.84 4.92
CA TYR A 10 2.04 -0.49 4.49
C TYR A 10 0.65 -0.48 3.88
N ASP A 11 -0.07 0.64 4.01
CA ASP A 11 -1.47 0.77 3.62
C ASP A 11 -1.79 2.06 2.84
N CYS A 12 -2.70 1.94 1.88
CA CYS A 12 -3.31 3.04 1.14
C CYS A 12 -4.46 3.66 1.93
N HIS A 13 -4.45 4.99 2.06
CA HIS A 13 -5.50 5.75 2.74
C HIS A 13 -6.65 6.20 1.79
N ILE A 14 -6.60 5.84 0.51
CA ILE A 14 -7.64 6.14 -0.50
C ILE A 14 -8.56 4.94 -0.74
N CYS A 15 -7.97 3.75 -0.91
CA CYS A 15 -8.66 2.51 -1.30
C CYS A 15 -8.40 1.29 -0.42
N GLU A 16 -7.75 1.50 0.74
CA GLU A 16 -7.60 0.49 1.81
C GLU A 16 -6.80 -0.77 1.42
N ARG A 17 -6.11 -0.75 0.27
CA ARG A 17 -5.13 -1.76 -0.16
C ARG A 17 -3.85 -1.71 0.69
N LYS A 18 -3.05 -2.77 0.60
CA LYS A 18 -1.81 -2.94 1.38
C LYS A 18 -0.65 -3.56 0.59
N PHE A 19 0.58 -3.28 1.04
CA PHE A 19 1.83 -3.58 0.34
C PHE A 19 2.96 -4.07 1.26
N LYS A 20 3.95 -4.74 0.67
CA LYS A 20 5.12 -5.28 1.39
C LYS A 20 6.12 -4.21 1.83
N ASN A 21 6.32 -3.18 0.99
CA ASN A 21 7.26 -2.09 1.21
C ASN A 21 6.57 -0.72 1.16
N GLU A 22 7.22 0.28 1.75
CA GLU A 22 6.78 1.68 1.69
C GLU A 22 6.78 2.17 0.24
N LEU A 23 7.79 1.75 -0.54
CA LEU A 23 7.95 2.05 -1.97
C LEU A 23 6.75 1.56 -2.78
N ASP A 24 6.39 0.27 -2.66
CA ASP A 24 5.28 -0.32 -3.44
C ASP A 24 3.95 0.40 -3.20
N ARG A 25 3.69 0.82 -1.96
CA ARG A 25 2.52 1.62 -1.58
C ARG A 25 2.62 3.04 -2.12
N ASP A 26 3.78 3.68 -1.96
CA ASP A 26 4.01 5.05 -2.40
C ASP A 26 3.83 5.22 -3.93
N ARG A 27 4.30 4.26 -4.74
CA ARG A 27 4.05 4.26 -6.20
C ARG A 27 2.61 3.90 -6.60
N HIS A 28 1.88 3.19 -5.74
CA HIS A 28 0.44 2.98 -5.91
C HIS A 28 -0.37 4.27 -5.67
N MET A 29 0.03 5.18 -4.77
CA MET A 29 -0.68 6.46 -4.57
C MET A 29 -0.77 7.31 -5.86
N LEU A 30 0.15 7.11 -6.80
CA LEU A 30 0.16 7.77 -8.12
C LEU A 30 -1.09 7.46 -8.96
N VAL A 31 -1.77 6.33 -8.72
CA VAL A 31 -3.03 5.97 -9.42
C VAL A 31 -4.22 6.84 -8.97
N HIS A 32 -4.13 7.43 -7.77
CA HIS A 32 -5.15 8.27 -7.15
C HIS A 32 -4.97 9.78 -7.43
N GLY A 33 -3.77 10.20 -7.86
CA GLY A 33 -3.47 11.60 -8.21
C GLY A 33 -1.99 11.89 -8.43
N ASP A 34 -1.69 13.09 -8.91
CA ASP A 34 -0.33 13.58 -9.22
C ASP A 34 0.14 14.71 -8.26
N LYS A 35 -0.64 15.01 -7.21
CA LYS A 35 -0.45 16.14 -6.28
C LYS A 35 0.57 15.87 -5.15
N TRP A 36 1.09 14.64 -5.06
CA TRP A 36 2.00 14.17 -4.00
C TRP A 36 3.36 14.88 -3.99
ZN ZN B . -5.03 3.03 -3.16
N GLY A 1 -6.89 -7.69 10.92
CA GLY A 1 -6.69 -8.83 10.00
C GLY A 1 -6.07 -10.02 10.71
N SER A 2 -6.59 -11.23 10.46
CA SER A 2 -6.17 -12.47 11.12
C SER A 2 -4.92 -13.13 10.50
N SER A 3 -4.54 -12.75 9.28
CA SER A 3 -3.37 -13.27 8.54
C SER A 3 -2.79 -12.21 7.58
N GLY A 4 -1.56 -12.42 7.11
CA GLY A 4 -0.85 -11.58 6.14
C GLY A 4 -0.24 -10.29 6.70
N SER A 5 -0.54 -9.91 7.95
CA SER A 5 -0.04 -8.70 8.62
C SER A 5 1.46 -8.73 8.95
N SER A 6 2.10 -9.90 8.88
CA SER A 6 3.56 -10.07 8.95
C SER A 6 4.27 -9.75 7.63
N GLY A 7 3.59 -9.92 6.50
CA GLY A 7 4.09 -9.63 5.15
C GLY A 7 3.73 -8.24 4.64
N LEU A 8 2.49 -7.80 4.87
CA LEU A 8 1.96 -6.51 4.44
C LEU A 8 2.04 -5.49 5.60
N LEU A 9 2.73 -4.38 5.35
CA LEU A 9 3.13 -3.40 6.37
C LEU A 9 2.66 -1.96 6.08
N TYR A 10 2.42 -1.62 4.82
CA TYR A 10 2.08 -0.26 4.36
C TYR A 10 0.69 -0.23 3.71
N ASP A 11 -0.08 0.84 3.94
CA ASP A 11 -1.49 0.93 3.55
C ASP A 11 -1.84 2.19 2.76
N CYS A 12 -2.75 2.04 1.79
CA CYS A 12 -3.39 3.11 1.04
C CYS A 12 -4.53 3.73 1.87
N HIS A 13 -4.53 5.06 1.98
CA HIS A 13 -5.58 5.83 2.65
C HIS A 13 -6.74 6.26 1.72
N ILE A 14 -6.72 5.84 0.44
CA ILE A 14 -7.77 6.13 -0.55
C ILE A 14 -8.66 4.90 -0.79
N CYS A 15 -8.05 3.71 -0.94
CA CYS A 15 -8.72 2.47 -1.35
C CYS A 15 -8.38 1.23 -0.51
N GLU A 16 -7.72 1.42 0.64
CA GLU A 16 -7.49 0.41 1.68
C GLU A 16 -6.62 -0.81 1.27
N ARG A 17 -6.04 -0.79 0.06
CA ARG A 17 -5.01 -1.75 -0.40
C ARG A 17 -3.73 -1.65 0.44
N LYS A 18 -2.99 -2.76 0.51
CA LYS A 18 -1.81 -2.92 1.38
C LYS A 18 -0.64 -3.60 0.66
N PHE A 19 0.58 -3.26 1.11
CA PHE A 19 1.84 -3.58 0.42
C PHE A 19 2.97 -3.98 1.37
N LYS A 20 3.99 -4.66 0.80
CA LYS A 20 5.16 -5.17 1.54
C LYS A 20 6.15 -4.08 1.94
N ASN A 21 6.34 -3.09 1.08
CA ASN A 21 7.30 -1.99 1.25
C ASN A 21 6.61 -0.63 1.15
N GLU A 22 7.26 0.39 1.70
CA GLU A 22 6.81 1.78 1.59
C GLU A 22 6.79 2.23 0.12
N LEU A 23 7.81 1.81 -0.64
CA LEU A 23 7.92 2.04 -2.08
C LEU A 23 6.71 1.48 -2.84
N ASP A 24 6.35 0.20 -2.64
CA ASP A 24 5.26 -0.46 -3.38
C ASP A 24 3.89 0.20 -3.15
N ARG A 25 3.67 0.74 -1.95
CA ARG A 25 2.48 1.54 -1.62
C ARG A 25 2.57 2.94 -2.22
N ASP A 26 3.72 3.59 -2.12
CA ASP A 26 3.94 4.95 -2.63
C ASP A 26 3.75 5.04 -4.15
N ARG A 27 4.21 4.04 -4.91
CA ARG A 27 3.97 3.95 -6.36
C ARG A 27 2.52 3.62 -6.73
N HIS A 28 1.76 3.00 -5.82
CA HIS A 28 0.31 2.83 -5.97
C HIS A 28 -0.46 4.14 -5.71
N MET A 29 -0.03 5.02 -4.80
CA MET A 29 -0.70 6.32 -4.60
C MET A 29 -0.74 7.20 -5.87
N LEU A 30 0.17 6.96 -6.82
CA LEU A 30 0.20 7.60 -8.14
C LEU A 30 -1.08 7.37 -8.96
N VAL A 31 -1.81 6.25 -8.73
CA VAL A 31 -3.09 5.96 -9.41
C VAL A 31 -4.23 6.88 -8.93
N HIS A 32 -4.11 7.43 -7.72
CA HIS A 32 -5.04 8.38 -7.11
C HIS A 32 -4.59 9.85 -7.32
N GLY A 33 -3.27 10.09 -7.31
CA GLY A 33 -2.65 11.39 -7.60
C GLY A 33 -2.59 12.37 -6.42
N ASP A 34 -2.12 13.59 -6.70
CA ASP A 34 -1.92 14.70 -5.74
C ASP A 34 -2.76 15.94 -6.11
N LYS A 35 -3.91 15.71 -6.76
CA LYS A 35 -4.83 16.73 -7.32
C LYS A 35 -5.63 17.52 -6.29
N TRP A 36 -5.74 16.98 -5.06
CA TRP A 36 -6.46 17.50 -3.89
C TRP A 36 -5.60 18.42 -3.01
ZN ZN B . -5.15 3.06 -3.23
N GLY A 1 11.30 -15.22 7.08
CA GLY A 1 12.03 -16.39 7.62
C GLY A 1 11.15 -17.63 7.60
N SER A 2 11.01 -18.30 8.75
CA SER A 2 10.12 -19.47 8.93
C SER A 2 8.63 -19.18 8.71
N SER A 3 8.25 -17.89 8.71
CA SER A 3 6.95 -17.37 8.30
C SER A 3 6.58 -17.66 6.83
N GLY A 4 7.57 -17.85 5.96
CA GLY A 4 7.38 -18.02 4.51
C GLY A 4 6.95 -16.76 3.74
N SER A 5 6.89 -15.60 4.41
CA SER A 5 6.45 -14.32 3.83
C SER A 5 7.01 -13.12 4.60
N SER A 6 7.22 -11.99 3.89
CA SER A 6 7.56 -10.68 4.48
C SER A 6 6.35 -9.97 5.12
N GLY A 7 5.13 -10.44 4.85
CA GLY A 7 3.88 -9.81 5.31
C GLY A 7 3.54 -8.50 4.60
N LEU A 8 2.46 -7.86 5.05
CA LEU A 8 2.03 -6.52 4.62
C LEU A 8 2.19 -5.52 5.78
N LEU A 9 2.76 -4.36 5.48
CA LEU A 9 3.22 -3.36 6.45
C LEU A 9 2.74 -1.93 6.18
N TYR A 10 2.43 -1.60 4.92
CA TYR A 10 2.06 -0.24 4.46
C TYR A 10 0.67 -0.23 3.81
N ASP A 11 -0.08 0.86 3.96
CA ASP A 11 -1.48 0.95 3.56
C ASP A 11 -1.82 2.22 2.75
N CYS A 12 -2.73 2.05 1.78
CA CYS A 12 -3.37 3.12 1.02
C CYS A 12 -4.54 3.72 1.84
N HIS A 13 -4.56 5.06 1.93
CA HIS A 13 -5.63 5.81 2.60
C HIS A 13 -6.79 6.23 1.68
N ILE A 14 -6.77 5.79 0.41
CA ILE A 14 -7.81 6.09 -0.61
C ILE A 14 -8.70 4.87 -0.88
N CYS A 15 -8.09 3.68 -1.01
CA CYS A 15 -8.75 2.44 -1.44
C CYS A 15 -8.44 1.20 -0.58
N GLU A 16 -7.71 1.40 0.53
CA GLU A 16 -7.47 0.42 1.59
C GLU A 16 -6.60 -0.79 1.21
N ARG A 17 -6.00 -0.77 0.01
CA ARG A 17 -4.96 -1.73 -0.42
C ARG A 17 -3.71 -1.64 0.45
N LYS A 18 -2.98 -2.75 0.55
CA LYS A 18 -1.82 -2.91 1.44
C LYS A 18 -0.64 -3.60 0.76
N PHE A 19 0.57 -3.26 1.21
CA PHE A 19 1.83 -3.58 0.54
C PHE A 19 2.96 -4.04 1.46
N LYS A 20 3.98 -4.67 0.84
CA LYS A 20 5.14 -5.26 1.51
C LYS A 20 6.16 -4.23 1.97
N ASN A 21 6.42 -3.22 1.13
CA ASN A 21 7.31 -2.09 1.41
C ASN A 21 6.63 -0.75 1.10
N GLU A 22 7.21 0.31 1.67
CA GLU A 22 6.71 1.69 1.55
C GLU A 22 6.72 2.14 0.09
N LEU A 23 7.76 1.73 -0.66
CA LEU A 23 7.91 1.99 -2.09
C LEU A 23 6.72 1.44 -2.90
N ASP A 24 6.33 0.18 -2.72
CA ASP A 24 5.27 -0.47 -3.49
C ASP A 24 3.90 0.20 -3.27
N ARG A 25 3.66 0.70 -2.05
CA ARG A 25 2.49 1.52 -1.71
C ARG A 25 2.59 2.92 -2.28
N ASP A 26 3.74 3.56 -2.18
CA ASP A 26 3.96 4.93 -2.67
C ASP A 26 3.78 5.04 -4.19
N ARG A 27 4.26 4.05 -4.97
CA ARG A 27 4.00 4.00 -6.43
C ARG A 27 2.56 3.66 -6.80
N HIS A 28 1.80 3.04 -5.89
CA HIS A 28 0.35 2.85 -6.02
C HIS A 28 -0.41 4.16 -5.76
N MET A 29 0.01 5.04 -4.84
CA MET A 29 -0.65 6.34 -4.62
C MET A 29 -0.69 7.22 -5.89
N LEU A 30 0.21 6.99 -6.86
CA LEU A 30 0.23 7.64 -8.18
C LEU A 30 -1.04 7.40 -9.01
N VAL A 31 -1.78 6.31 -8.74
CA VAL A 31 -3.07 6.03 -9.42
C VAL A 31 -4.21 6.94 -8.91
N HIS A 32 -4.05 7.50 -7.71
CA HIS A 32 -4.97 8.43 -7.07
C HIS A 32 -4.53 9.89 -7.27
N GLY A 33 -3.26 10.20 -6.97
CA GLY A 33 -2.59 11.49 -7.20
C GLY A 33 -3.45 12.70 -6.80
N ASP A 34 -3.69 13.58 -7.79
CA ASP A 34 -4.68 14.66 -7.73
C ASP A 34 -5.53 14.67 -9.02
N LYS A 35 -5.75 13.47 -9.58
CA LYS A 35 -6.30 13.17 -10.92
C LYS A 35 -7.72 12.56 -10.89
N TRP A 36 -8.45 12.88 -9.82
CA TRP A 36 -9.80 12.38 -9.45
C TRP A 36 -10.81 12.41 -10.62
ZN ZN B . -5.12 3.07 -3.25
N GLY A 1 -1.34 -6.73 17.39
CA GLY A 1 -0.25 -6.01 16.70
C GLY A 1 -0.25 -6.34 15.22
N SER A 2 0.91 -6.73 14.67
CA SER A 2 1.02 -7.30 13.31
C SER A 2 0.36 -8.69 13.25
N SER A 3 0.59 -9.52 14.27
CA SER A 3 -0.08 -10.79 14.58
C SER A 3 -0.11 -11.85 13.45
N GLY A 4 0.81 -11.77 12.49
CA GLY A 4 0.95 -12.73 11.38
C GLY A 4 -0.22 -12.73 10.38
N SER A 5 -0.29 -13.77 9.55
CA SER A 5 -1.35 -14.02 8.55
C SER A 5 -1.62 -12.84 7.58
N SER A 6 -0.58 -12.08 7.23
CA SER A 6 -0.67 -10.89 6.36
C SER A 6 0.59 -10.70 5.50
N GLY A 7 1.73 -10.40 6.12
CA GLY A 7 2.97 -10.03 5.43
C GLY A 7 3.04 -8.58 4.93
N LEU A 8 1.98 -7.79 5.15
CA LEU A 8 1.84 -6.44 4.61
C LEU A 8 2.02 -5.38 5.71
N LEU A 9 2.93 -4.45 5.47
CA LEU A 9 3.38 -3.44 6.42
C LEU A 9 2.84 -2.02 6.14
N TYR A 10 2.46 -1.73 4.89
CA TYR A 10 2.06 -0.41 4.41
C TYR A 10 0.66 -0.44 3.80
N ASP A 11 -0.10 0.65 3.97
CA ASP A 11 -1.51 0.75 3.56
C ASP A 11 -1.83 2.05 2.80
N CYS A 12 -2.74 1.94 1.83
CA CYS A 12 -3.34 3.05 1.10
C CYS A 12 -4.51 3.65 1.90
N HIS A 13 -4.46 4.97 2.13
CA HIS A 13 -5.53 5.71 2.82
C HIS A 13 -6.66 6.19 1.88
N ILE A 14 -6.63 5.79 0.59
CA ILE A 14 -7.64 6.16 -0.42
C ILE A 14 -8.57 4.98 -0.73
N CYS A 15 -8.01 3.77 -0.88
CA CYS A 15 -8.71 2.57 -1.37
C CYS A 15 -8.44 1.29 -0.56
N GLU A 16 -7.70 1.42 0.55
CA GLU A 16 -7.49 0.39 1.58
C GLU A 16 -6.66 -0.84 1.14
N ARG A 17 -6.01 -0.77 -0.02
CA ARG A 17 -5.00 -1.74 -0.48
C ARG A 17 -3.74 -1.70 0.38
N LYS A 18 -2.97 -2.79 0.37
CA LYS A 18 -1.79 -2.98 1.24
C LYS A 18 -0.60 -3.63 0.53
N PHE A 19 0.60 -3.31 1.03
CA PHE A 19 1.88 -3.62 0.39
C PHE A 19 2.99 -4.04 1.37
N LYS A 20 4.01 -4.72 0.84
CA LYS A 20 5.14 -5.27 1.61
C LYS A 20 6.17 -4.22 2.02
N ASN A 21 6.42 -3.23 1.16
CA ASN A 21 7.35 -2.12 1.41
C ASN A 21 6.69 -0.76 1.14
N GLU A 22 7.29 0.30 1.69
CA GLU A 22 6.80 1.67 1.58
C GLU A 22 6.78 2.13 0.12
N LEU A 23 7.80 1.72 -0.65
CA LEU A 23 7.93 1.98 -2.08
C LEU A 23 6.73 1.46 -2.87
N ASP A 24 6.35 0.19 -2.71
CA ASP A 24 5.25 -0.46 -3.44
C ASP A 24 3.89 0.20 -3.17
N ARG A 25 3.69 0.73 -1.97
CA ARG A 25 2.50 1.53 -1.60
C ARG A 25 2.57 2.93 -2.17
N ASP A 26 3.74 3.58 -2.07
CA ASP A 26 3.95 4.95 -2.54
C ASP A 26 3.78 5.08 -4.05
N ARG A 27 4.26 4.11 -4.85
CA ARG A 27 4.03 4.06 -6.31
C ARG A 27 2.58 3.74 -6.68
N HIS A 28 1.83 3.06 -5.82
CA HIS A 28 0.38 2.88 -5.95
C HIS A 28 -0.38 4.18 -5.66
N MET A 29 0.04 5.01 -4.69
CA MET A 29 -0.64 6.29 -4.40
C MET A 29 -0.66 7.26 -5.60
N LEU A 30 0.24 7.08 -6.58
CA LEU A 30 0.25 7.81 -7.85
C LEU A 30 -1.05 7.62 -8.66
N VAL A 31 -1.74 6.46 -8.54
CA VAL A 31 -2.99 6.19 -9.28
C VAL A 31 -4.16 7.08 -8.81
N HIS A 32 -4.08 7.59 -7.58
CA HIS A 32 -5.03 8.51 -6.97
C HIS A 32 -4.69 10.00 -7.19
N GLY A 33 -3.56 10.29 -7.85
CA GLY A 33 -3.06 11.64 -8.18
C GLY A 33 -3.83 12.40 -9.27
N ASP A 34 -5.13 12.13 -9.44
CA ASP A 34 -6.03 12.68 -10.47
C ASP A 34 -6.53 14.11 -10.14
N LYS A 35 -5.63 14.93 -9.55
CA LYS A 35 -5.90 16.28 -9.03
C LYS A 35 -5.85 17.39 -10.09
N TRP A 36 -5.28 17.09 -11.26
CA TRP A 36 -5.06 18.00 -12.40
C TRP A 36 -6.29 18.15 -13.33
ZN ZN B . -5.03 3.14 -3.20
N GLY A 1 -4.93 -22.09 17.62
CA GLY A 1 -5.01 -20.96 16.67
C GLY A 1 -4.96 -19.61 17.38
N SER A 2 -4.79 -18.53 16.61
CA SER A 2 -4.72 -17.14 17.09
C SER A 2 -5.32 -16.14 16.09
N SER A 3 -5.46 -14.87 16.49
CA SER A 3 -5.97 -13.78 15.66
C SER A 3 -4.97 -13.27 14.59
N GLY A 4 -3.68 -13.61 14.72
CA GLY A 4 -2.62 -13.27 13.77
C GLY A 4 -2.27 -11.78 13.70
N SER A 5 -1.54 -11.39 12.64
CA SER A 5 -1.15 -10.01 12.32
C SER A 5 -0.97 -9.83 10.80
N SER A 6 -0.89 -8.57 10.33
CA SER A 6 -0.73 -8.24 8.91
C SER A 6 0.64 -8.66 8.36
N GLY A 7 0.64 -9.31 7.19
CA GLY A 7 1.85 -9.62 6.42
C GLY A 7 2.30 -8.49 5.48
N LEU A 8 1.59 -7.36 5.46
CA LEU A 8 1.83 -6.19 4.60
C LEU A 8 1.88 -4.93 5.50
N LEU A 9 3.04 -4.27 5.52
CA LEU A 9 3.36 -3.20 6.47
C LEU A 9 2.81 -1.81 6.13
N TYR A 10 2.55 -1.51 4.86
CA TYR A 10 2.19 -0.18 4.36
C TYR A 10 0.80 -0.18 3.70
N ASP A 11 0.02 0.91 3.80
CA ASP A 11 -1.39 0.93 3.41
C ASP A 11 -1.83 2.17 2.60
N CYS A 12 -2.80 1.98 1.71
CA CYS A 12 -3.51 3.03 0.98
C CYS A 12 -4.71 3.54 1.82
N HIS A 13 -4.79 4.85 2.04
CA HIS A 13 -5.91 5.47 2.75
C HIS A 13 -7.11 5.82 1.84
N ILE A 14 -7.01 5.55 0.53
CA ILE A 14 -8.01 5.92 -0.49
C ILE A 14 -8.86 4.71 -0.90
N CYS A 15 -8.22 3.56 -1.12
CA CYS A 15 -8.85 2.29 -1.54
C CYS A 15 -8.57 1.07 -0.65
N GLU A 16 -7.90 1.31 0.48
CA GLU A 16 -7.71 0.35 1.57
C GLU A 16 -6.84 -0.89 1.26
N ARG A 17 -6.10 -0.86 0.14
CA ARG A 17 -5.07 -1.85 -0.22
C ARG A 17 -3.83 -1.73 0.66
N LYS A 18 -3.01 -2.79 0.63
CA LYS A 18 -1.78 -2.91 1.44
C LYS A 18 -0.60 -3.47 0.65
N PHE A 19 0.62 -3.12 1.07
CA PHE A 19 1.87 -3.40 0.38
C PHE A 19 2.98 -3.86 1.35
N LYS A 20 3.92 -4.63 0.82
CA LYS A 20 5.02 -5.22 1.61
C LYS A 20 6.08 -4.21 2.00
N ASN A 21 6.41 -3.29 1.08
CA ASN A 21 7.38 -2.21 1.28
C ASN A 21 6.76 -0.84 1.00
N GLU A 22 7.40 0.21 1.52
CA GLU A 22 6.95 1.59 1.39
C GLU A 22 6.98 2.07 -0.07
N LEU A 23 7.95 1.57 -0.85
CA LEU A 23 8.07 1.82 -2.29
C LEU A 23 6.83 1.34 -3.04
N ASP A 24 6.37 0.09 -2.81
CA ASP A 24 5.21 -0.51 -3.47
C ASP A 24 3.91 0.25 -3.17
N ARG A 25 3.77 0.78 -1.95
CA ARG A 25 2.65 1.65 -1.56
C ARG A 25 2.77 3.03 -2.21
N ASP A 26 3.96 3.64 -2.19
CA ASP A 26 4.20 4.96 -2.78
C ASP A 26 3.90 4.97 -4.29
N ARG A 27 4.34 3.95 -5.05
CA ARG A 27 4.03 3.86 -6.48
C ARG A 27 2.56 3.56 -6.77
N HIS A 28 1.83 2.95 -5.83
CA HIS A 28 0.39 2.83 -5.91
C HIS A 28 -0.33 4.16 -5.63
N MET A 29 0.13 5.01 -4.70
CA MET A 29 -0.53 6.29 -4.42
C MET A 29 -0.55 7.24 -5.64
N LEU A 30 0.34 7.03 -6.63
CA LEU A 30 0.33 7.72 -7.92
C LEU A 30 -1.00 7.56 -8.68
N VAL A 31 -1.72 6.44 -8.51
CA VAL A 31 -3.02 6.20 -9.17
C VAL A 31 -4.14 7.10 -8.63
N HIS A 32 -3.96 7.65 -7.43
CA HIS A 32 -4.88 8.54 -6.73
C HIS A 32 -4.46 10.03 -6.79
N GLY A 33 -3.28 10.34 -7.35
CA GLY A 33 -2.72 11.70 -7.38
C GLY A 33 -3.45 12.63 -8.36
N ASP A 34 -4.21 13.60 -7.82
CA ASP A 34 -5.02 14.55 -8.59
C ASP A 34 -4.23 15.81 -9.01
N LYS A 35 -3.28 16.24 -8.17
CA LYS A 35 -2.49 17.48 -8.33
C LYS A 35 -0.96 17.29 -8.19
N TRP A 36 -0.51 16.08 -7.84
CA TRP A 36 0.86 15.74 -7.45
C TRP A 36 1.36 14.46 -8.14
ZN ZN B . -5.20 2.96 -3.33
N GLY A 1 -7.11 -18.14 -3.44
CA GLY A 1 -6.08 -17.43 -2.64
C GLY A 1 -5.49 -18.32 -1.56
N SER A 2 -4.28 -18.01 -1.11
CA SER A 2 -3.54 -18.75 -0.08
C SER A 2 -4.17 -18.64 1.32
N SER A 3 -3.93 -19.64 2.17
CA SER A 3 -4.40 -19.68 3.57
C SER A 3 -3.72 -18.62 4.45
N GLY A 4 -4.41 -18.16 5.51
CA GLY A 4 -3.92 -17.12 6.41
C GLY A 4 -3.88 -15.73 5.76
N SER A 5 -2.88 -14.92 6.15
CA SER A 5 -2.68 -13.54 5.66
C SER A 5 -1.22 -13.30 5.25
N SER A 6 -1.01 -12.53 4.18
CA SER A 6 0.32 -12.14 3.68
C SER A 6 1.01 -11.10 4.57
N GLY A 7 2.35 -11.08 4.56
CA GLY A 7 3.16 -10.07 5.26
C GLY A 7 3.12 -8.72 4.56
N LEU A 8 2.24 -7.84 5.03
CA LEU A 8 1.99 -6.50 4.48
C LEU A 8 2.09 -5.46 5.60
N LEU A 9 2.86 -4.41 5.35
CA LEU A 9 3.29 -3.41 6.34
C LEU A 9 2.77 -1.99 6.08
N TYR A 10 2.47 -1.64 4.83
CA TYR A 10 2.10 -0.29 4.39
C TYR A 10 0.72 -0.27 3.75
N ASP A 11 -0.07 0.77 3.99
CA ASP A 11 -1.48 0.87 3.58
C ASP A 11 -1.83 2.13 2.79
N CYS A 12 -2.73 1.98 1.81
CA CYS A 12 -3.38 3.04 1.07
C CYS A 12 -4.54 3.65 1.88
N HIS A 13 -4.56 4.97 2.00
CA HIS A 13 -5.63 5.72 2.66
C HIS A 13 -6.77 6.18 1.72
N ILE A 14 -6.74 5.75 0.45
CA ILE A 14 -7.76 6.08 -0.56
C ILE A 14 -8.66 4.87 -0.86
N CYS A 15 -8.06 3.67 -1.01
CA CYS A 15 -8.74 2.42 -1.40
C CYS A 15 -8.46 1.20 -0.51
N GLU A 16 -7.81 1.43 0.64
CA GLU A 16 -7.65 0.45 1.72
C GLU A 16 -6.81 -0.81 1.35
N ARG A 17 -6.11 -0.77 0.21
CA ARG A 17 -5.10 -1.77 -0.20
C ARG A 17 -3.83 -1.70 0.65
N LYS A 18 -3.04 -2.77 0.61
CA LYS A 18 -1.83 -2.96 1.45
C LYS A 18 -0.65 -3.59 0.68
N PHE A 19 0.57 -3.27 1.10
CA PHE A 19 1.83 -3.56 0.39
C PHE A 19 2.96 -4.03 1.32
N LYS A 20 3.96 -4.70 0.73
CA LYS A 20 5.14 -5.22 1.45
C LYS A 20 6.13 -4.14 1.87
N ASN A 21 6.32 -3.13 1.00
CA ASN A 21 7.28 -2.05 1.18
C ASN A 21 6.60 -0.67 1.11
N GLU A 22 7.27 0.34 1.66
CA GLU A 22 6.83 1.74 1.61
C GLU A 22 6.80 2.21 0.15
N LEU A 23 7.82 1.81 -0.63
CA LEU A 23 7.93 2.08 -2.07
C LEU A 23 6.72 1.54 -2.84
N ASP A 24 6.36 0.27 -2.66
CA ASP A 24 5.27 -0.37 -3.42
C ASP A 24 3.90 0.27 -3.15
N ARG A 25 3.68 0.75 -1.92
CA ARG A 25 2.49 1.56 -1.58
C ARG A 25 2.59 2.95 -2.20
N ASP A 26 3.74 3.60 -2.09
CA ASP A 26 3.95 4.96 -2.60
C ASP A 26 3.78 5.06 -4.13
N ARG A 27 4.26 4.08 -4.91
CA ARG A 27 4.02 4.00 -6.37
C ARG A 27 2.57 3.67 -6.74
N HIS A 28 1.81 3.04 -5.83
CA HIS A 28 0.37 2.87 -5.98
C HIS A 28 -0.40 4.18 -5.70
N MET A 29 0.02 5.05 -4.77
CA MET A 29 -0.64 6.35 -4.56
C MET A 29 -0.67 7.24 -5.81
N LEU A 30 0.24 7.01 -6.77
CA LEU A 30 0.26 7.68 -8.09
C LEU A 30 -1.03 7.47 -8.90
N VAL A 31 -1.75 6.35 -8.69
CA VAL A 31 -3.03 6.08 -9.37
C VAL A 31 -4.17 6.98 -8.86
N HIS A 32 -4.03 7.48 -7.63
CA HIS A 32 -4.96 8.40 -6.97
C HIS A 32 -4.53 9.88 -7.12
N GLY A 33 -3.23 10.14 -7.28
CA GLY A 33 -2.62 11.48 -7.30
C GLY A 33 -3.10 12.45 -8.38
N ASP A 34 -3.82 11.96 -9.40
CA ASP A 34 -4.50 12.80 -10.40
C ASP A 34 -5.73 13.53 -9.81
N LYS A 35 -6.35 12.98 -8.75
CA LYS A 35 -7.56 13.51 -8.09
C LYS A 35 -7.35 13.92 -6.62
N TRP A 36 -6.38 13.30 -5.93
CA TRP A 36 -6.11 13.47 -4.49
C TRP A 36 -4.80 14.23 -4.22
ZN ZN B . -5.11 2.99 -3.22
N GLY A 1 15.78 -14.33 10.31
CA GLY A 1 15.02 -13.69 9.21
C GLY A 1 13.93 -12.78 9.74
N SER A 2 13.47 -11.83 8.92
CA SER A 2 12.38 -10.90 9.28
C SER A 2 11.00 -11.56 9.29
N SER A 3 10.13 -11.12 10.19
CA SER A 3 8.70 -11.50 10.23
C SER A 3 7.87 -10.83 9.13
N GLY A 4 8.41 -9.79 8.47
CA GLY A 4 7.76 -9.06 7.36
C GLY A 4 7.80 -9.78 6.01
N SER A 5 8.33 -11.00 5.93
CA SER A 5 8.49 -11.78 4.69
C SER A 5 7.17 -12.25 4.06
N SER A 6 6.13 -12.50 4.88
CA SER A 6 4.80 -12.96 4.45
C SER A 6 3.67 -11.96 4.74
N GLY A 7 3.87 -11.00 5.65
CA GLY A 7 2.91 -9.95 6.00
C GLY A 7 2.86 -8.77 5.02
N LEU A 8 1.93 -7.84 5.29
CA LEU A 8 1.83 -6.52 4.64
C LEU A 8 1.98 -5.43 5.70
N LEU A 9 2.82 -4.44 5.41
CA LEU A 9 3.30 -3.43 6.37
C LEU A 9 2.73 -2.02 6.12
N TYR A 10 2.43 -1.69 4.86
CA TYR A 10 2.04 -0.34 4.42
C TYR A 10 0.65 -0.33 3.79
N ASP A 11 -0.11 0.74 3.99
CA ASP A 11 -1.50 0.86 3.55
C ASP A 11 -1.79 2.16 2.76
N CYS A 12 -2.63 2.03 1.74
CA CYS A 12 -3.21 3.14 0.98
C CYS A 12 -4.45 3.67 1.70
N HIS A 13 -4.44 4.97 2.06
CA HIS A 13 -5.55 5.61 2.76
C HIS A 13 -6.72 6.03 1.84
N ILE A 14 -6.64 5.71 0.54
CA ILE A 14 -7.66 6.06 -0.47
C ILE A 14 -8.61 4.89 -0.76
N CYS A 15 -8.06 3.67 -0.85
CA CYS A 15 -8.74 2.45 -1.31
C CYS A 15 -8.51 1.21 -0.42
N GLU A 16 -7.73 1.38 0.66
CA GLU A 16 -7.47 0.35 1.67
C GLU A 16 -6.60 -0.85 1.21
N ARG A 17 -6.02 -0.78 0.00
CA ARG A 17 -5.00 -1.75 -0.45
C ARG A 17 -3.72 -1.63 0.36
N LYS A 18 -2.97 -2.74 0.42
CA LYS A 18 -1.81 -2.91 1.31
C LYS A 18 -0.63 -3.59 0.61
N PHE A 19 0.58 -3.26 1.08
CA PHE A 19 1.85 -3.57 0.41
C PHE A 19 2.97 -4.02 1.36
N LYS A 20 4.00 -4.65 0.79
CA LYS A 20 5.15 -5.22 1.52
C LYS A 20 6.13 -4.16 2.00
N ASN A 21 6.44 -3.20 1.13
CA ASN A 21 7.35 -2.08 1.38
C ASN A 21 6.68 -0.73 1.12
N GLU A 22 7.26 0.33 1.67
CA GLU A 22 6.76 1.70 1.57
C GLU A 22 6.75 2.16 0.10
N LEU A 23 7.78 1.77 -0.66
CA LEU A 23 7.93 2.04 -2.09
C LEU A 23 6.73 1.52 -2.90
N ASP A 24 6.34 0.25 -2.72
CA ASP A 24 5.23 -0.39 -3.44
C ASP A 24 3.89 0.30 -3.20
N ARG A 25 3.65 0.77 -1.97
CA ARG A 25 2.47 1.56 -1.61
C ARG A 25 2.55 2.96 -2.19
N ASP A 26 3.72 3.61 -2.10
CA ASP A 26 3.93 4.97 -2.58
C ASP A 26 3.76 5.09 -4.11
N ARG A 27 4.25 4.11 -4.89
CA ARG A 27 4.01 4.07 -6.35
C ARG A 27 2.58 3.72 -6.74
N HIS A 28 1.83 3.04 -5.86
CA HIS A 28 0.39 2.85 -6.02
C HIS A 28 -0.38 4.15 -5.72
N MET A 29 0.02 4.98 -4.75
CA MET A 29 -0.67 6.26 -4.48
C MET A 29 -0.71 7.21 -5.69
N LEU A 30 0.19 7.03 -6.67
CA LEU A 30 0.19 7.75 -7.95
C LEU A 30 -1.11 7.54 -8.75
N VAL A 31 -1.79 6.38 -8.61
CA VAL A 31 -3.06 6.11 -9.30
C VAL A 31 -4.22 6.98 -8.81
N HIS A 32 -4.08 7.52 -7.59
CA HIS A 32 -5.00 8.48 -6.95
C HIS A 32 -4.48 9.94 -7.02
N GLY A 33 -3.38 10.18 -7.74
CA GLY A 33 -2.65 11.45 -7.81
C GLY A 33 -3.37 12.61 -8.51
N ASP A 34 -2.65 13.71 -8.70
CA ASP A 34 -3.14 15.04 -9.15
C ASP A 34 -3.43 15.13 -10.67
N LYS A 35 -4.02 14.07 -11.23
CA LYS A 35 -4.37 13.93 -12.66
C LYS A 35 -5.45 14.91 -13.12
N TRP A 36 -6.36 15.32 -12.23
CA TRP A 36 -7.55 16.13 -12.51
C TRP A 36 -7.63 17.39 -11.63
ZN ZN B . -5.01 3.06 -3.27
N GLY A 1 1.19 -24.49 2.52
CA GLY A 1 0.90 -23.67 3.70
C GLY A 1 1.34 -22.22 3.50
N SER A 2 0.53 -21.26 3.99
CA SER A 2 0.74 -19.82 3.77
C SER A 2 1.75 -19.16 4.71
N SER A 3 2.21 -19.85 5.75
CA SER A 3 3.13 -19.34 6.78
C SER A 3 4.52 -18.98 6.23
N GLY A 4 5.12 -17.91 6.77
CA GLY A 4 6.45 -17.42 6.40
C GLY A 4 6.84 -16.11 7.09
N SER A 5 8.05 -15.63 6.83
CA SER A 5 8.60 -14.39 7.44
C SER A 5 8.11 -13.09 6.79
N SER A 6 7.51 -13.17 5.60
CA SER A 6 6.97 -12.03 4.84
C SER A 6 5.55 -11.63 5.27
N GLY A 7 5.13 -10.41 4.93
CA GLY A 7 3.80 -9.87 5.22
C GLY A 7 3.56 -8.48 4.64
N LEU A 8 2.33 -7.98 4.76
CA LEU A 8 1.93 -6.63 4.36
C LEU A 8 2.08 -5.68 5.56
N LEU A 9 2.70 -4.51 5.30
CA LEU A 9 3.15 -3.55 6.33
C LEU A 9 2.69 -2.10 6.08
N TYR A 10 2.41 -1.73 4.82
CA TYR A 10 2.07 -0.37 4.40
C TYR A 10 0.69 -0.31 3.75
N ASP A 11 -0.06 0.77 3.99
CA ASP A 11 -1.48 0.89 3.60
C ASP A 11 -1.81 2.18 2.84
N CYS A 12 -2.70 2.05 1.85
CA CYS A 12 -3.33 3.15 1.12
C CYS A 12 -4.46 3.79 1.96
N HIS A 13 -4.48 5.11 2.04
CA HIS A 13 -5.52 5.89 2.70
C HIS A 13 -6.68 6.33 1.77
N ILE A 14 -6.66 5.91 0.49
CA ILE A 14 -7.71 6.21 -0.51
C ILE A 14 -8.62 5.00 -0.75
N CYS A 15 -8.04 3.80 -0.87
CA CYS A 15 -8.73 2.56 -1.29
C CYS A 15 -8.41 1.32 -0.44
N GLU A 16 -7.65 1.50 0.63
CA GLU A 16 -7.37 0.50 1.68
C GLU A 16 -6.53 -0.73 1.24
N ARG A 17 -5.98 -0.69 0.03
CA ARG A 17 -4.97 -1.66 -0.45
C ARG A 17 -3.69 -1.60 0.38
N LYS A 18 -2.97 -2.72 0.45
CA LYS A 18 -1.80 -2.92 1.32
C LYS A 18 -0.63 -3.58 0.61
N PHE A 19 0.58 -3.26 1.07
CA PHE A 19 1.85 -3.58 0.39
C PHE A 19 2.97 -4.03 1.33
N LYS A 20 3.97 -4.70 0.77
CA LYS A 20 5.11 -5.29 1.50
C LYS A 20 6.15 -4.27 1.95
N ASN A 21 6.39 -3.22 1.14
CA ASN A 21 7.32 -2.13 1.42
C ASN A 21 6.67 -0.77 1.16
N GLU A 22 7.27 0.27 1.75
CA GLU A 22 6.80 1.66 1.65
C GLU A 22 6.80 2.13 0.19
N LEU A 23 7.81 1.73 -0.58
CA LEU A 23 7.95 2.02 -2.01
C LEU A 23 6.74 1.52 -2.80
N ASP A 24 6.36 0.25 -2.66
CA ASP A 24 5.25 -0.38 -3.41
C ASP A 24 3.89 0.28 -3.14
N ARG A 25 3.70 0.79 -1.92
CA ARG A 25 2.52 1.59 -1.56
C ARG A 25 2.61 3.02 -2.10
N ASP A 26 3.77 3.65 -1.99
CA ASP A 26 4.00 5.02 -2.44
C ASP A 26 3.81 5.16 -3.96
N ARG A 27 4.27 4.18 -4.76
CA ARG A 27 4.00 4.15 -6.22
C ARG A 27 2.55 3.79 -6.58
N HIS A 28 1.82 3.10 -5.70
CA HIS A 28 0.37 2.92 -5.86
C HIS A 28 -0.41 4.21 -5.64
N MET A 29 0.00 5.13 -4.77
CA MET A 29 -0.69 6.43 -4.59
C MET A 29 -0.76 7.27 -5.88
N LEU A 30 0.14 7.02 -6.84
CA LEU A 30 0.14 7.63 -8.17
C LEU A 30 -1.11 7.32 -8.99
N VAL A 31 -1.79 6.20 -8.74
CA VAL A 31 -3.06 5.84 -9.42
C VAL A 31 -4.22 6.73 -8.98
N HIS A 32 -4.13 7.31 -7.78
CA HIS A 32 -5.09 8.27 -7.21
C HIS A 32 -4.71 9.71 -7.57
N GLY A 33 -3.42 10.04 -7.48
CA GLY A 33 -2.84 11.30 -7.98
C GLY A 33 -3.57 12.57 -7.49
N ASP A 34 -3.92 13.45 -8.44
CA ASP A 34 -4.65 14.70 -8.21
C ASP A 34 -6.18 14.55 -8.35
N LYS A 35 -6.70 13.31 -8.24
CA LYS A 35 -8.08 12.85 -8.28
C LYS A 35 -8.85 12.98 -9.61
N TRP A 36 -8.55 13.97 -10.46
CA TRP A 36 -9.09 14.08 -11.83
C TRP A 36 -8.42 13.13 -12.84
ZN ZN B . -5.11 3.13 -3.15
N GLY A 1 -1.26 -11.61 11.79
CA GLY A 1 -2.52 -11.21 12.48
C GLY A 1 -2.76 -12.10 13.69
N SER A 2 -3.95 -12.70 13.79
CA SER A 2 -4.28 -13.71 14.82
C SER A 2 -3.46 -15.01 14.66
N SER A 3 -2.98 -15.27 13.45
CA SER A 3 -2.00 -16.31 13.09
C SER A 3 -0.91 -15.76 12.16
N GLY A 4 0.16 -16.53 11.96
CA GLY A 4 1.32 -16.17 11.12
C GLY A 4 2.33 -15.23 11.80
N SER A 5 3.58 -15.26 11.33
CA SER A 5 4.73 -14.52 11.88
C SER A 5 5.12 -13.25 11.10
N SER A 6 4.47 -12.98 9.95
CA SER A 6 4.74 -11.85 9.06
C SER A 6 3.46 -11.36 8.36
N GLY A 7 3.53 -10.21 7.69
CA GLY A 7 2.39 -9.58 7.00
C GLY A 7 2.78 -8.35 6.17
N LEU A 8 1.76 -7.70 5.57
CA LEU A 8 1.91 -6.47 4.79
C LEU A 8 2.02 -5.27 5.75
N LEU A 9 3.04 -4.44 5.53
CA LEU A 9 3.48 -3.39 6.46
C LEU A 9 2.88 -2.00 6.19
N TYR A 10 2.53 -1.69 4.94
CA TYR A 10 2.08 -0.36 4.49
C TYR A 10 0.67 -0.41 3.88
N ASP A 11 -0.07 0.70 3.97
CA ASP A 11 -1.47 0.79 3.53
C ASP A 11 -1.79 2.07 2.75
N CYS A 12 -2.68 1.94 1.77
CA CYS A 12 -3.31 3.02 1.04
C CYS A 12 -4.50 3.58 1.84
N HIS A 13 -4.53 4.90 2.06
CA HIS A 13 -5.62 5.60 2.75
C HIS A 13 -6.73 6.10 1.80
N ILE A 14 -6.70 5.69 0.52
CA ILE A 14 -7.69 6.05 -0.50
C ILE A 14 -8.60 4.86 -0.86
N CYS A 15 -8.02 3.66 -0.99
CA CYS A 15 -8.69 2.44 -1.44
C CYS A 15 -8.41 1.18 -0.61
N GLU A 16 -7.81 1.36 0.57
CA GLU A 16 -7.65 0.34 1.61
C GLU A 16 -6.77 -0.88 1.23
N ARG A 17 -6.07 -0.83 0.09
CA ARG A 17 -5.03 -1.80 -0.31
C ARG A 17 -3.79 -1.74 0.60
N LYS A 18 -3.03 -2.84 0.63
CA LYS A 18 -1.85 -3.00 1.49
C LYS A 18 -0.66 -3.59 0.73
N PHE A 19 0.56 -3.27 1.18
CA PHE A 19 1.82 -3.54 0.48
C PHE A 19 2.96 -3.99 1.40
N LYS A 20 3.96 -4.64 0.80
CA LYS A 20 5.10 -5.23 1.49
C LYS A 20 6.16 -4.20 1.91
N ASN A 21 6.45 -3.25 1.03
CA ASN A 21 7.35 -2.11 1.29
C ASN A 21 6.66 -0.77 1.02
N GLU A 22 7.23 0.29 1.60
CA GLU A 22 6.72 1.66 1.51
C GLU A 22 6.73 2.15 0.05
N LEU A 23 7.77 1.76 -0.69
CA LEU A 23 7.91 2.03 -2.13
C LEU A 23 6.72 1.50 -2.93
N ASP A 24 6.33 0.23 -2.75
CA ASP A 24 5.26 -0.41 -3.52
C ASP A 24 3.88 0.26 -3.30
N ARG A 25 3.65 0.76 -2.08
CA ARG A 25 2.46 1.56 -1.72
C ARG A 25 2.55 2.97 -2.27
N ASP A 26 3.71 3.61 -2.17
CA ASP A 26 3.93 4.98 -2.63
C ASP A 26 3.76 5.11 -4.16
N ARG A 27 4.27 4.14 -4.95
CA ARG A 27 4.04 4.11 -6.41
C ARG A 27 2.59 3.78 -6.80
N HIS A 28 1.84 3.13 -5.91
CA HIS A 28 0.39 2.95 -6.07
C HIS A 28 -0.39 4.23 -5.76
N MET A 29 0.02 5.09 -4.80
CA MET A 29 -0.67 6.36 -4.52
C MET A 29 -0.69 7.33 -5.72
N LEU A 30 0.21 7.14 -6.70
CA LEU A 30 0.22 7.86 -7.97
C LEU A 30 -1.08 7.65 -8.78
N VAL A 31 -1.75 6.49 -8.66
CA VAL A 31 -3.02 6.21 -9.39
C VAL A 31 -4.19 7.06 -8.88
N HIS A 32 -4.11 7.55 -7.64
CA HIS A 32 -5.07 8.45 -7.00
C HIS A 32 -4.73 9.95 -7.22
N GLY A 33 -3.59 10.23 -7.86
CA GLY A 33 -3.14 11.59 -8.21
C GLY A 33 -2.17 12.22 -7.20
N ASP A 34 -1.70 11.49 -6.18
CA ASP A 34 -0.75 11.98 -5.16
C ASP A 34 0.72 11.95 -5.66
N LYS A 35 0.91 12.41 -6.91
CA LYS A 35 2.19 12.40 -7.66
C LYS A 35 3.02 13.69 -7.55
N TRP A 36 2.49 14.72 -6.87
CA TRP A 36 3.05 16.08 -6.74
C TRP A 36 2.98 16.63 -5.31
ZN ZN B . -5.03 3.07 -3.26
N GLY A 1 4.86 -15.42 14.99
CA GLY A 1 3.88 -15.31 13.88
C GLY A 1 4.49 -15.69 12.54
N SER A 2 3.66 -16.19 11.62
CA SER A 2 4.03 -16.77 10.31
C SER A 2 4.89 -18.05 10.37
N SER A 3 4.79 -18.88 9.34
CA SER A 3 5.66 -20.04 9.09
C SER A 3 7.00 -19.66 8.41
N GLY A 4 7.12 -18.42 7.91
CA GLY A 4 8.36 -17.88 7.32
C GLY A 4 8.15 -16.83 6.22
N SER A 5 6.94 -16.70 5.67
CA SER A 5 6.60 -15.70 4.64
C SER A 5 6.40 -14.30 5.25
N SER A 6 6.80 -13.25 4.52
CA SER A 6 6.70 -11.85 4.94
C SER A 6 5.27 -11.29 4.83
N GLY A 7 4.85 -10.52 5.84
CA GLY A 7 3.52 -9.88 5.90
C GLY A 7 3.43 -8.55 5.15
N LEU A 8 2.21 -8.02 5.07
CA LEU A 8 1.92 -6.67 4.58
C LEU A 8 2.13 -5.66 5.72
N LEU A 9 2.76 -4.54 5.40
CA LEU A 9 3.25 -3.54 6.37
C LEU A 9 2.76 -2.11 6.10
N TYR A 10 2.41 -1.79 4.85
CA TYR A 10 2.02 -0.45 4.39
C TYR A 10 0.63 -0.46 3.77
N ASP A 11 -0.14 0.61 3.98
CA ASP A 11 -1.54 0.71 3.55
C ASP A 11 -1.86 2.04 2.82
N CYS A 12 -2.75 1.93 1.83
CA CYS A 12 -3.33 3.05 1.10
C CYS A 12 -4.46 3.70 1.92
N HIS A 13 -4.37 5.03 2.13
CA HIS A 13 -5.41 5.80 2.82
C HIS A 13 -6.54 6.30 1.89
N ILE A 14 -6.53 5.90 0.61
CA ILE A 14 -7.58 6.24 -0.38
C ILE A 14 -8.50 5.04 -0.65
N CYS A 15 -7.91 3.85 -0.85
CA CYS A 15 -8.62 2.63 -1.29
C CYS A 15 -8.30 1.35 -0.50
N GLU A 16 -7.60 1.51 0.64
CA GLU A 16 -7.38 0.45 1.65
C GLU A 16 -6.54 -0.76 1.21
N ARG A 17 -6.00 -0.75 -0.02
CA ARG A 17 -5.00 -1.71 -0.54
C ARG A 17 -3.70 -1.67 0.26
N LYS A 18 -2.95 -2.78 0.25
CA LYS A 18 -1.80 -3.01 1.14
C LYS A 18 -0.59 -3.66 0.46
N PHE A 19 0.59 -3.36 0.99
CA PHE A 19 1.89 -3.66 0.37
C PHE A 19 2.97 -4.05 1.39
N LYS A 20 4.01 -4.74 0.91
CA LYS A 20 5.13 -5.24 1.73
C LYS A 20 6.18 -4.18 2.07
N ASN A 21 6.42 -3.22 1.18
CA ASN A 21 7.36 -2.11 1.40
C ASN A 21 6.68 -0.76 1.14
N GLU A 22 7.27 0.29 1.72
CA GLU A 22 6.77 1.66 1.63
C GLU A 22 6.76 2.13 0.17
N LEU A 23 7.78 1.74 -0.60
CA LEU A 23 7.91 2.00 -2.03
C LEU A 23 6.71 1.49 -2.82
N ASP A 24 6.34 0.21 -2.66
CA ASP A 24 5.25 -0.44 -3.40
C ASP A 24 3.87 0.22 -3.15
N ARG A 25 3.67 0.75 -1.93
CA ARG A 25 2.48 1.53 -1.58
C ARG A 25 2.56 2.95 -2.12
N ASP A 26 3.72 3.59 -2.02
CA ASP A 26 3.93 4.97 -2.46
C ASP A 26 3.76 5.12 -3.98
N ARG A 27 4.25 4.16 -4.78
CA ARG A 27 4.02 4.13 -6.24
C ARG A 27 2.57 3.80 -6.63
N HIS A 28 1.82 3.09 -5.77
CA HIS A 28 0.38 2.92 -5.92
C HIS A 28 -0.39 4.22 -5.62
N MET A 29 0.02 5.04 -4.65
CA MET A 29 -0.67 6.31 -4.36
C MET A 29 -0.68 7.28 -5.54
N LEU A 30 0.22 7.12 -6.52
CA LEU A 30 0.23 7.86 -7.78
C LEU A 30 -1.05 7.67 -8.61
N VAL A 31 -1.72 6.51 -8.53
CA VAL A 31 -2.96 6.24 -9.30
C VAL A 31 -4.13 7.13 -8.85
N HIS A 32 -4.09 7.61 -7.60
CA HIS A 32 -5.10 8.49 -7.02
C HIS A 32 -4.85 9.99 -7.35
N GLY A 33 -3.69 10.32 -7.92
CA GLY A 33 -3.39 11.65 -8.49
C GLY A 33 -3.89 11.85 -9.93
N ASP A 34 -4.36 10.78 -10.59
CA ASP A 34 -4.75 10.75 -12.02
C ASP A 34 -6.16 11.32 -12.31
N LYS A 35 -6.59 12.33 -11.53
CA LYS A 35 -7.92 12.94 -11.58
C LYS A 35 -8.12 13.95 -12.73
N TRP A 36 -7.02 14.43 -13.31
CA TRP A 36 -6.98 15.46 -14.38
C TRP A 36 -7.15 14.87 -15.80
ZN ZN B . -5.04 3.19 -3.19
N GLY A 1 11.90 -8.92 12.15
CA GLY A 1 11.73 -10.26 12.76
C GLY A 1 12.30 -11.36 11.87
N SER A 2 12.96 -12.35 12.46
CA SER A 2 13.66 -13.45 11.75
C SER A 2 12.74 -14.61 11.30
N SER A 3 11.48 -14.63 11.73
CA SER A 3 10.53 -15.73 11.49
C SER A 3 10.14 -15.93 10.02
N GLY A 4 10.18 -14.88 9.20
CA GLY A 4 9.89 -14.92 7.76
C GLY A 4 9.52 -13.56 7.16
N SER A 5 9.38 -13.51 5.83
CA SER A 5 9.06 -12.30 5.04
C SER A 5 7.55 -12.08 4.83
N SER A 6 6.70 -12.87 5.50
CA SER A 6 5.23 -12.87 5.37
C SER A 6 4.55 -11.59 5.88
N GLY A 7 3.32 -11.35 5.44
CA GLY A 7 2.49 -10.21 5.85
C GLY A 7 2.63 -8.97 4.95
N LEU A 8 1.77 -7.98 5.23
CA LEU A 8 1.77 -6.65 4.61
C LEU A 8 1.98 -5.58 5.69
N LEU A 9 2.82 -4.59 5.38
CA LEU A 9 3.33 -3.59 6.32
C LEU A 9 2.82 -2.15 6.07
N TYR A 10 2.45 -1.84 4.83
CA TYR A 10 2.05 -0.49 4.39
C TYR A 10 0.66 -0.47 3.76
N ASP A 11 -0.09 0.61 3.97
CA ASP A 11 -1.50 0.73 3.56
C ASP A 11 -1.82 2.05 2.84
N CYS A 12 -2.74 1.96 1.88
CA CYS A 12 -3.33 3.07 1.14
C CYS A 12 -4.47 3.74 1.96
N HIS A 13 -4.43 5.06 2.06
CA HIS A 13 -5.46 5.86 2.73
C HIS A 13 -6.61 6.31 1.79
N ILE A 14 -6.60 5.91 0.52
CA ILE A 14 -7.66 6.20 -0.47
C ILE A 14 -8.56 4.98 -0.70
N CYS A 15 -7.97 3.80 -0.88
CA CYS A 15 -8.65 2.56 -1.27
C CYS A 15 -8.34 1.32 -0.42
N GLU A 16 -7.64 1.52 0.71
CA GLU A 16 -7.40 0.52 1.75
C GLU A 16 -6.56 -0.72 1.33
N ARG A 17 -6.05 -0.72 0.09
CA ARG A 17 -5.06 -1.70 -0.41
C ARG A 17 -3.74 -1.65 0.36
N LYS A 18 -2.97 -2.73 0.27
CA LYS A 18 -1.79 -2.97 1.13
C LYS A 18 -0.60 -3.61 0.43
N PHE A 19 0.59 -3.33 0.96
CA PHE A 19 1.88 -3.62 0.32
C PHE A 19 2.97 -4.08 1.30
N LYS A 20 4.00 -4.76 0.76
CA LYS A 20 5.12 -5.31 1.53
C LYS A 20 6.18 -4.26 1.92
N ASN A 21 6.43 -3.26 1.07
CA ASN A 21 7.37 -2.18 1.33
C ASN A 21 6.73 -0.81 1.10
N GLU A 22 7.33 0.21 1.71
CA GLU A 22 6.85 1.60 1.65
C GLU A 22 6.83 2.11 0.21
N LEU A 23 7.86 1.73 -0.57
CA LEU A 23 8.00 2.03 -1.99
C LEU A 23 6.79 1.55 -2.81
N ASP A 24 6.39 0.28 -2.67
CA ASP A 24 5.28 -0.32 -3.42
C ASP A 24 3.93 0.35 -3.15
N ARG A 25 3.70 0.78 -1.90
CA ARG A 25 2.53 1.58 -1.52
C ARG A 25 2.64 3.01 -2.06
N ASP A 26 3.80 3.63 -1.93
CA ASP A 26 4.03 5.01 -2.37
C ASP A 26 3.84 5.17 -3.90
N ARG A 27 4.30 4.22 -4.72
CA ARG A 27 4.04 4.22 -6.17
C ARG A 27 2.60 3.87 -6.54
N HIS A 28 1.87 3.16 -5.69
CA HIS A 28 0.43 2.96 -5.84
C HIS A 28 -0.36 4.26 -5.58
N MET A 29 0.03 5.14 -4.65
CA MET A 29 -0.66 6.41 -4.42
C MET A 29 -0.74 7.31 -5.68
N LEU A 30 0.18 7.12 -6.64
CA LEU A 30 0.19 7.81 -7.94
C LEU A 30 -1.08 7.54 -8.78
N VAL A 31 -1.74 6.39 -8.60
CA VAL A 31 -2.99 6.04 -9.32
C VAL A 31 -4.18 6.91 -8.89
N HIS A 32 -4.11 7.49 -7.68
CA HIS A 32 -5.11 8.37 -7.09
C HIS A 32 -4.86 9.87 -7.36
N GLY A 33 -3.67 10.24 -7.85
CA GLY A 33 -3.32 11.60 -8.26
C GLY A 33 -3.94 11.99 -9.62
N ASP A 34 -4.16 13.30 -9.82
CA ASP A 34 -4.78 13.86 -11.04
C ASP A 34 -3.74 14.33 -12.08
N LYS A 35 -2.75 15.11 -11.64
CA LYS A 35 -1.68 15.71 -12.45
C LYS A 35 -0.28 15.15 -12.13
N TRP A 36 -0.08 14.63 -10.92
CA TRP A 36 1.21 14.24 -10.35
C TRP A 36 1.30 12.74 -10.04
ZN ZN B . -5.05 3.09 -3.16
#